data_8YFP
#
_entry.id   8YFP
#
_cell.length_a   209.061
_cell.length_b   209.061
_cell.length_c   209.061
_cell.angle_alpha   90.00
_cell.angle_beta   90.00
_cell.angle_gamma   90.00
#
_symmetry.space_group_name_H-M   'I 21 3'
#
loop_
_entity.id
_entity.type
_entity.pdbx_description
1 polymer 'NodB homology domain-containing protein'
2 non-polymer 'ZINC ION'
3 non-polymer 'MAGNESIUM ION'
4 non-polymer 'CALCIUM ION'
5 water water
#
_entity_poly.entity_id   1
_entity_poly.type   'polypeptide(L)'
_entity_poly.pdbx_seq_one_letter_code
;QTAPKGTIYLTFDDGPINASIDVINVLNEQGVKGTFYFNAWHLDGIGDENEDRALEALKLALDTGHVVANHSYAHMVHNC
VDEFGPTSGAECNATGDHQINAYQDPVYDASTFADNLVVFERYLPNINSYPNYFGEELARLPYTNGWRITKDFKADGLCA
TSDDLKPWEPGYVCDLDNPSNSVKASIEVQNILANKGYQTHGWDVDWSPENWGIPMPANSLTEAEAFLGYVDAALNSCAP
TTINPINSKAHGFPCGTPLHADKVVVLTHEFLYEDGKRGMGATQNLPKLAKFLRIAKEAGYVFDTIDNYTPVWQVGNAYA
AGDYVTHSGTVYKAVTAHIAQQDWAPSSTSSLWTNADPATNWTLNVSYEAGDVVTYQGLRYLVNVPHVSQADWTPNTQNT
LFTALSRHHHHHH
;
_entity_poly.pdbx_strand_id   A,B
#
# COMPACT_ATOMS: atom_id res chain seq x y z
N PRO A 4 5.71 24.97 -25.98
CA PRO A 4 6.06 23.58 -26.26
C PRO A 4 5.13 22.94 -27.28
N LYS A 5 5.67 22.52 -28.43
CA LYS A 5 4.86 21.82 -29.47
C LYS A 5 4.04 20.75 -28.77
N GLY A 6 4.69 20.03 -27.88
CA GLY A 6 3.97 19.03 -27.10
C GLY A 6 4.87 18.33 -26.12
N THR A 7 4.26 17.58 -25.22
CA THR A 7 5.00 16.81 -24.23
C THR A 7 4.83 15.33 -24.56
N ILE A 8 5.94 14.63 -24.73
CA ILE A 8 5.93 13.21 -25.03
C ILE A 8 6.23 12.46 -23.75
N TYR A 9 5.44 11.41 -23.48
CA TYR A 9 5.72 10.51 -22.35
C TYR A 9 6.17 9.19 -22.96
N LEU A 10 7.48 8.95 -22.94
CA LEU A 10 8.05 7.75 -23.50
C LEU A 10 8.00 6.67 -22.43
N THR A 11 7.30 5.57 -22.72
CA THR A 11 7.10 4.53 -21.72
C THR A 11 7.52 3.19 -22.27
N PHE A 12 8.09 2.36 -21.40
CA PHE A 12 8.66 1.07 -21.76
C PHE A 12 8.02 -0.01 -20.90
N ASP A 13 7.50 -1.05 -21.54
CA ASP A 13 6.80 -2.11 -20.82
C ASP A 13 7.58 -3.41 -20.87
N ASP A 14 7.42 -4.20 -19.81
CA ASP A 14 7.73 -5.63 -19.70
C ASP A 14 9.14 -5.91 -19.21
N GLY A 15 9.93 -4.88 -18.88
CA GLY A 15 11.16 -5.11 -18.17
C GLY A 15 10.86 -5.46 -16.73
N PRO A 16 11.88 -5.52 -15.87
CA PRO A 16 13.29 -5.23 -16.20
C PRO A 16 14.01 -6.45 -16.76
N ILE A 17 14.64 -6.30 -17.92
CA ILE A 17 15.43 -7.35 -18.54
C ILE A 17 16.80 -6.77 -18.91
N ASN A 18 17.69 -7.62 -19.41
CA ASN A 18 19.03 -7.17 -19.76
C ASN A 18 18.98 -6.00 -20.72
N ALA A 19 18.10 -6.04 -21.72
CA ALA A 19 18.04 -4.96 -22.69
C ALA A 19 17.63 -3.63 -22.08
N SER A 20 17.00 -3.64 -20.90
CA SER A 20 16.59 -2.40 -20.26
C SER A 20 17.80 -1.52 -19.98
N ILE A 21 18.94 -2.14 -19.70
CA ILE A 21 20.17 -1.39 -19.43
C ILE A 21 20.58 -0.56 -20.65
N ASP A 22 20.62 -1.19 -21.82
CA ASP A 22 20.99 -0.47 -23.03
C ASP A 22 20.02 0.68 -23.29
N VAL A 23 18.72 0.43 -23.11
CA VAL A 23 17.71 1.46 -23.33
C VAL A 23 17.92 2.62 -22.36
N ILE A 24 18.08 2.31 -21.07
CA ILE A 24 18.31 3.34 -20.07
C ILE A 24 19.56 4.16 -20.42
N ASN A 25 20.63 3.49 -20.86
CA ASN A 25 21.86 4.20 -21.20
C ASN A 25 21.63 5.19 -22.34
N VAL A 26 20.84 4.82 -23.34
CA VAL A 26 20.56 5.75 -24.43
C VAL A 26 19.72 6.92 -23.95
N LEU A 27 18.67 6.64 -23.16
CA LEU A 27 17.88 7.72 -22.58
C LEU A 27 18.78 8.66 -21.77
N ASN A 28 19.64 8.07 -20.93
CA ASN A 28 20.54 8.89 -20.11
C ASN A 28 21.46 9.73 -20.99
N GLU A 29 21.96 9.17 -22.10
CA GLU A 29 22.86 9.93 -22.96
C GLU A 29 22.17 11.14 -23.56
N GLN A 30 20.89 11.01 -23.90
CA GLN A 30 20.12 12.03 -24.57
C GLN A 30 19.33 12.93 -23.61
N GLY A 31 19.64 12.87 -22.31
CA GLY A 31 18.94 13.64 -21.29
C GLY A 31 17.44 13.48 -21.30
N VAL A 32 16.95 12.24 -21.20
CA VAL A 32 15.52 11.97 -21.26
C VAL A 32 15.17 10.96 -20.17
N LYS A 33 14.09 11.22 -19.43
CA LYS A 33 13.60 10.27 -18.44
C LYS A 33 12.45 9.46 -19.04
N GLY A 34 12.45 8.15 -18.78
CA GLY A 34 11.37 7.28 -19.17
C GLY A 34 10.55 6.80 -17.98
N THR A 35 9.37 6.29 -18.29
CA THR A 35 8.51 5.59 -17.34
C THR A 35 8.57 4.11 -17.68
N PHE A 36 8.92 3.28 -16.71
CA PHE A 36 9.07 1.85 -16.94
C PHE A 36 7.97 1.10 -16.21
N TYR A 37 7.18 0.34 -16.96
CA TYR A 37 6.14 -0.51 -16.39
C TYR A 37 6.70 -1.92 -16.25
N PHE A 38 7.17 -2.26 -15.04
CA PHE A 38 7.95 -3.46 -14.79
C PHE A 38 7.10 -4.66 -14.33
N ASN A 39 7.56 -5.86 -14.69
CA ASN A 39 7.02 -7.14 -14.21
C ASN A 39 8.10 -7.81 -13.38
N ALA A 40 7.87 -7.92 -12.07
CA ALA A 40 8.91 -8.45 -11.19
C ALA A 40 9.27 -9.90 -11.46
N TRP A 41 8.50 -10.64 -12.27
CA TRP A 41 8.86 -12.04 -12.50
C TRP A 41 10.18 -12.17 -13.26
N HIS A 42 10.68 -11.09 -13.86
CA HIS A 42 12.02 -11.16 -14.45
C HIS A 42 13.10 -11.23 -13.37
N LEU A 43 12.86 -10.61 -12.22
CA LEU A 43 13.77 -10.76 -11.09
C LEU A 43 13.86 -12.21 -10.63
N ASP A 44 12.73 -12.91 -10.63
CA ASP A 44 12.69 -14.32 -10.26
C ASP A 44 13.22 -15.25 -11.35
N GLY A 45 13.63 -14.71 -12.50
CA GLY A 45 14.24 -15.55 -13.53
C GLY A 45 13.29 -16.43 -14.30
N ILE A 46 11.99 -16.14 -14.32
CA ILE A 46 11.04 -17.03 -14.97
C ILE A 46 10.31 -16.37 -16.13
N GLY A 47 10.67 -15.13 -16.48
CA GLY A 47 10.00 -14.36 -17.51
C GLY A 47 10.30 -14.72 -18.95
N ASP A 48 11.12 -15.74 -19.19
CA ASP A 48 11.46 -16.20 -20.54
C ASP A 48 12.13 -15.10 -21.38
N GLU A 49 13.02 -14.33 -20.76
CA GLU A 49 13.85 -13.37 -21.48
C GLU A 49 15.29 -13.50 -21.00
N ASN A 50 16.21 -12.81 -21.68
CA ASN A 50 17.54 -12.57 -21.12
C ASN A 50 17.39 -11.63 -19.94
N GLU A 51 17.53 -12.16 -18.72
CA GLU A 51 17.10 -11.42 -17.55
C GLU A 51 17.97 -11.68 -16.32
N ASP A 52 19.16 -12.27 -16.48
CA ASP A 52 20.06 -12.44 -15.34
C ASP A 52 20.55 -11.11 -14.80
N ARG A 53 20.46 -10.04 -15.58
CA ARG A 53 20.83 -8.71 -15.13
C ARG A 53 19.62 -7.86 -14.80
N ALA A 54 18.47 -8.51 -14.54
CA ALA A 54 17.23 -7.77 -14.29
C ALA A 54 17.35 -6.88 -13.05
N LEU A 55 17.96 -7.39 -11.99
CA LEU A 55 18.08 -6.59 -10.78
C LEU A 55 18.96 -5.37 -11.04
N GLU A 56 20.09 -5.59 -11.71
CA GLU A 56 20.93 -4.49 -12.15
C GLU A 56 20.13 -3.46 -12.95
N ALA A 57 19.28 -3.92 -13.87
CA ALA A 57 18.46 -2.99 -14.65
C ALA A 57 17.50 -2.21 -13.77
N LEU A 58 16.82 -2.89 -12.86
CA LEU A 58 15.96 -2.20 -11.91
C LEU A 58 16.73 -1.12 -11.15
N LYS A 59 17.91 -1.46 -10.61
CA LYS A 59 18.73 -0.49 -9.87
C LYS A 59 19.11 0.70 -10.73
N LEU A 60 19.53 0.45 -11.98
CA LEU A 60 19.98 1.53 -12.86
C LEU A 60 18.84 2.49 -13.18
N ALA A 61 17.63 1.96 -13.40
CA ALA A 61 16.49 2.84 -13.63
C ALA A 61 16.23 3.71 -12.43
N LEU A 62 16.30 3.13 -11.23
CA LEU A 62 16.11 3.93 -10.02
C LEU A 62 17.25 4.91 -9.81
N ASP A 63 18.51 4.47 -9.96
CA ASP A 63 19.65 5.34 -9.64
C ASP A 63 19.80 6.49 -10.64
N THR A 64 19.30 6.36 -11.86
CA THR A 64 19.42 7.45 -12.83
C THR A 64 18.10 8.16 -13.08
N GLY A 65 17.14 8.02 -12.18
CA GLY A 65 16.01 8.94 -12.11
C GLY A 65 14.80 8.59 -12.94
N HIS A 66 14.76 7.42 -13.56
CA HIS A 66 13.58 7.04 -14.29
C HIS A 66 12.49 6.62 -13.31
N VAL A 67 11.26 6.61 -13.82
CA VAL A 67 10.08 6.37 -13.01
C VAL A 67 9.72 4.89 -13.15
N VAL A 68 9.66 4.20 -12.03
CA VAL A 68 9.29 2.79 -12.01
C VAL A 68 7.83 2.70 -11.63
N ALA A 69 7.06 1.97 -12.43
CA ALA A 69 5.63 1.82 -12.30
C ALA A 69 5.26 0.34 -12.38
N ASN A 70 3.99 0.05 -12.11
CA ASN A 70 3.54 -1.29 -11.81
C ASN A 70 2.85 -1.91 -13.01
N HIS A 71 3.39 -3.00 -13.54
CA HIS A 71 2.81 -3.67 -14.68
C HIS A 71 2.30 -5.08 -14.35
N SER A 72 2.21 -5.41 -13.05
CA SER A 72 1.80 -6.69 -12.48
C SER A 72 2.96 -7.68 -12.42
N TYR A 73 2.87 -8.64 -11.51
CA TYR A 73 4.00 -9.54 -11.25
C TYR A 73 4.43 -10.27 -12.52
N ALA A 74 3.49 -10.95 -13.18
CA ALA A 74 3.86 -11.88 -14.26
C ALA A 74 3.08 -11.63 -15.54
N HIS A 75 2.63 -10.38 -15.76
CA HIS A 75 2.03 -9.99 -17.03
C HIS A 75 0.80 -10.83 -17.38
N MET A 76 0.06 -11.27 -16.35
CA MET A 76 -1.14 -12.09 -16.47
C MET A 76 -0.90 -13.43 -17.14
N VAL A 77 0.35 -13.87 -17.32
CA VAL A 77 0.52 -15.12 -18.05
C VAL A 77 0.06 -16.32 -17.24
N HIS A 78 -0.17 -16.16 -15.93
CA HIS A 78 -0.84 -17.24 -15.20
C HIS A 78 -2.20 -17.57 -15.81
N ASN A 79 -2.85 -16.60 -16.46
CA ASN A 79 -4.10 -16.80 -17.18
C ASN A 79 -3.92 -17.37 -18.59
N CYS A 80 -2.69 -17.39 -19.11
CA CYS A 80 -2.46 -17.87 -20.47
C CYS A 80 -2.28 -19.39 -20.51
N VAL A 81 -1.81 -19.97 -19.41
CA VAL A 81 -1.51 -21.40 -19.31
C VAL A 81 -2.40 -22.05 -18.26
N ASP A 82 -2.40 -23.38 -18.26
CA ASP A 82 -3.03 -24.22 -17.24
C ASP A 82 -2.58 -23.83 -15.84
N GLU A 83 -1.44 -24.35 -15.43
CA GLU A 83 -0.90 -24.15 -14.09
C GLU A 83 0.32 -23.27 -14.22
N PHE A 84 0.46 -22.30 -13.33
CA PHE A 84 1.51 -21.29 -13.46
C PHE A 84 2.78 -21.76 -12.76
N GLY A 85 3.87 -21.87 -13.52
CA GLY A 85 5.16 -22.22 -12.96
C GLY A 85 6.31 -21.62 -13.74
N PRO A 86 7.53 -22.02 -13.38
CA PRO A 86 8.75 -21.48 -14.02
C PRO A 86 8.76 -21.50 -15.55
N THR A 87 8.04 -22.42 -16.17
CA THR A 87 8.05 -22.56 -17.62
C THR A 87 6.89 -21.85 -18.31
N SER A 88 6.00 -21.17 -17.56
CA SER A 88 4.78 -20.62 -18.18
C SER A 88 5.11 -19.56 -19.22
N GLY A 89 6.07 -18.69 -18.94
CA GLY A 89 6.45 -17.69 -19.93
C GLY A 89 6.91 -18.31 -21.24
N ALA A 90 7.75 -19.34 -21.13
CA ALA A 90 8.16 -20.08 -22.33
C ALA A 90 6.97 -20.74 -23.00
N GLU A 91 6.14 -21.43 -22.22
CA GLU A 91 4.99 -22.11 -22.80
C GLU A 91 4.08 -21.13 -23.51
N CYS A 92 3.79 -19.99 -22.87
CA CYS A 92 2.86 -19.03 -23.47
C CYS A 92 3.47 -18.36 -24.70
N ASN A 93 4.79 -18.15 -24.72
CA ASN A 93 5.44 -17.65 -25.92
C ASN A 93 5.37 -18.66 -27.07
N ALA A 94 5.17 -19.94 -26.77
CA ALA A 94 5.12 -20.95 -27.84
C ALA A 94 3.77 -20.95 -28.55
N THR A 95 2.68 -20.76 -27.80
CA THR A 95 1.36 -20.65 -28.42
C THR A 95 1.06 -19.22 -28.86
N GLY A 96 1.67 -18.22 -28.22
CA GLY A 96 1.37 -16.83 -28.53
C GLY A 96 -0.05 -16.43 -28.20
N ASP A 97 -0.67 -17.10 -27.23
CA ASP A 97 -2.04 -16.84 -26.82
C ASP A 97 -2.14 -15.82 -25.69
N HIS A 98 -1.22 -14.84 -25.61
CA HIS A 98 -1.18 -13.94 -24.47
C HIS A 98 -2.50 -13.21 -24.25
N GLN A 99 -3.24 -12.91 -25.32
CA GLN A 99 -4.46 -12.13 -25.22
C GLN A 99 -5.70 -12.95 -25.00
N ILE A 100 -5.60 -14.28 -24.95
CA ILE A 100 -6.76 -15.16 -24.90
C ILE A 100 -6.99 -15.55 -23.45
N ASN A 101 -8.15 -15.15 -22.89
CA ASN A 101 -8.47 -15.39 -21.48
C ASN A 101 -7.46 -14.71 -20.57
N ALA A 102 -6.94 -13.56 -21.01
CA ALA A 102 -5.88 -12.88 -20.30
C ALA A 102 -6.31 -12.45 -18.90
N TYR A 103 -7.59 -12.12 -18.74
CA TYR A 103 -8.15 -11.76 -17.45
C TYR A 103 -9.30 -12.71 -17.17
N GLN A 104 -9.31 -13.30 -15.96
CA GLN A 104 -10.31 -14.30 -15.56
C GLN A 104 -10.93 -13.95 -14.22
N ASP A 105 -10.23 -14.21 -13.11
CA ASP A 105 -10.67 -13.76 -11.79
C ASP A 105 -10.09 -12.37 -11.53
N PRO A 106 -10.87 -11.31 -11.69
CA PRO A 106 -10.28 -9.96 -11.57
C PRO A 106 -9.72 -9.65 -10.19
N VAL A 107 -10.31 -10.21 -9.12
CA VAL A 107 -9.75 -9.99 -7.78
C VAL A 107 -8.33 -10.53 -7.71
N TYR A 108 -8.13 -11.75 -8.23
CA TYR A 108 -6.79 -12.32 -8.21
C TYR A 108 -5.89 -11.60 -9.22
N ASP A 109 -6.41 -11.29 -10.39
CA ASP A 109 -5.59 -10.59 -11.37
C ASP A 109 -5.14 -9.25 -10.84
N ALA A 110 -6.05 -8.49 -10.21
CA ALA A 110 -5.66 -7.22 -9.64
C ALA A 110 -4.62 -7.41 -8.55
N SER A 111 -4.69 -8.52 -7.82
CA SER A 111 -3.77 -8.70 -6.71
C SER A 111 -2.37 -9.04 -7.16
N THR A 112 -2.17 -9.42 -8.43
CA THR A 112 -0.81 -9.67 -8.91
C THR A 112 -0.06 -8.35 -9.12
N PHE A 113 -0.78 -7.22 -9.11
CA PHE A 113 -0.11 -5.93 -8.99
C PHE A 113 0.42 -5.72 -7.59
N ALA A 114 -0.29 -6.21 -6.57
CA ALA A 114 0.24 -6.11 -5.21
C ALA A 114 1.41 -7.05 -5.01
N ASP A 115 1.31 -8.29 -5.52
CA ASP A 115 2.43 -9.22 -5.52
C ASP A 115 3.69 -8.60 -6.15
N ASN A 116 3.50 -7.84 -7.22
CA ASN A 116 4.63 -7.19 -7.90
C ASN A 116 5.44 -6.37 -6.91
N LEU A 117 4.76 -5.59 -6.06
CA LEU A 117 5.43 -4.69 -5.14
C LEU A 117 6.14 -5.45 -4.01
N VAL A 118 5.57 -6.58 -3.56
CA VAL A 118 6.22 -7.38 -2.54
C VAL A 118 7.55 -7.93 -3.05
N VAL A 119 7.59 -8.33 -4.32
CA VAL A 119 8.81 -8.88 -4.89
C VAL A 119 9.89 -7.80 -5.03
N PHE A 120 9.51 -6.63 -5.57
CA PHE A 120 10.43 -5.50 -5.66
C PHE A 120 11.06 -5.18 -4.29
N GLU A 121 10.23 -5.11 -3.25
CA GLU A 121 10.75 -4.78 -1.93
C GLU A 121 11.56 -5.89 -1.31
N ARG A 122 11.41 -7.14 -1.78
CA ARG A 122 12.28 -8.20 -1.30
C ARG A 122 13.63 -8.13 -1.97
N TYR A 123 13.66 -7.83 -3.27
CA TYR A 123 14.94 -7.74 -3.96
C TYR A 123 15.66 -6.41 -3.69
N LEU A 124 14.92 -5.33 -3.47
CA LEU A 124 15.49 -4.00 -3.28
C LEU A 124 14.80 -3.36 -2.08
N PRO A 125 15.27 -3.67 -0.87
CA PRO A 125 14.54 -3.24 0.33
C PRO A 125 14.40 -1.74 0.48
N ASN A 126 15.33 -0.97 -0.06
CA ASN A 126 15.27 0.47 0.02
C ASN A 126 14.51 1.10 -1.14
N ILE A 127 13.77 0.32 -1.92
CA ILE A 127 13.15 0.88 -3.10
C ILE A 127 12.20 2.02 -2.72
N ASN A 128 11.59 1.95 -1.53
CA ASN A 128 10.69 3.00 -1.08
C ASN A 128 11.40 4.27 -0.64
N SER A 129 12.74 4.30 -0.59
CA SER A 129 13.43 5.54 -0.31
C SER A 129 13.78 6.31 -1.59
N TYR A 130 13.32 5.82 -2.74
CA TYR A 130 13.52 6.51 -4.01
C TYR A 130 12.29 7.35 -4.32
N PRO A 131 12.43 8.65 -4.57
CA PRO A 131 11.24 9.44 -4.92
C PRO A 131 10.67 9.10 -6.28
N ASN A 132 11.45 8.53 -7.19
CA ASN A 132 10.95 8.13 -8.51
C ASN A 132 10.39 6.71 -8.55
N TYR A 133 10.21 6.06 -7.39
CA TYR A 133 9.51 4.77 -7.33
C TYR A 133 8.01 5.02 -7.18
N PHE A 134 7.25 4.74 -8.23
CA PHE A 134 5.81 4.95 -8.20
C PHE A 134 5.06 3.63 -8.34
N GLY A 135 5.67 2.52 -7.91
CA GLY A 135 5.02 1.23 -8.01
C GLY A 135 3.66 1.17 -7.34
N GLU A 136 3.44 2.00 -6.31
CA GLU A 136 2.15 1.98 -5.62
C GLU A 136 1.13 2.92 -6.24
N GLU A 137 1.54 3.85 -7.09
CA GLU A 137 0.68 4.92 -7.56
C GLU A 137 0.33 4.85 -9.04
N LEU A 138 1.14 4.16 -9.84
CA LEU A 138 1.01 4.15 -11.30
C LEU A 138 1.05 2.72 -11.82
N ALA A 139 0.08 2.38 -12.66
CA ALA A 139 0.00 1.05 -13.23
C ALA A 139 -0.42 1.14 -14.67
N ARG A 140 -0.21 0.05 -15.41
CA ARG A 140 -0.78 -0.14 -16.74
C ARG A 140 -1.13 -1.61 -16.86
N LEU A 141 -2.32 -1.89 -17.37
CA LEU A 141 -2.77 -3.27 -17.52
C LEU A 141 -2.09 -3.91 -18.72
N PRO A 142 -1.59 -5.13 -18.58
CA PRO A 142 -1.13 -5.90 -19.74
C PRO A 142 -2.20 -5.89 -20.82
N TYR A 143 -1.77 -5.62 -22.06
CA TYR A 143 -2.52 -5.74 -23.30
C TYR A 143 -3.60 -4.68 -23.48
N THR A 144 -3.80 -3.76 -22.53
CA THR A 144 -5.06 -3.05 -22.44
C THR A 144 -4.84 -1.55 -22.45
N ASN A 145 -5.39 -0.88 -23.47
CA ASN A 145 -5.33 0.58 -23.55
C ASN A 145 -6.47 1.15 -22.70
N GLY A 146 -6.28 1.04 -21.40
CA GLY A 146 -7.30 1.47 -20.44
C GLY A 146 -6.71 2.55 -19.55
N TRP A 147 -7.55 3.53 -19.20
CA TRP A 147 -7.12 4.73 -18.49
C TRP A 147 -7.96 4.91 -17.22
N ARG A 148 -7.29 5.26 -16.13
CA ARG A 148 -7.95 5.74 -14.91
C ARG A 148 -7.11 6.92 -14.45
N ILE A 149 -7.52 8.12 -14.87
CA ILE A 149 -6.79 9.35 -14.60
C ILE A 149 -7.52 10.20 -13.54
N THR A 150 -8.79 10.51 -13.77
CA THR A 150 -9.58 11.29 -12.81
C THR A 150 -10.97 10.70 -12.72
N LYS A 151 -11.71 11.22 -11.75
CA LYS A 151 -13.13 10.88 -11.61
C LYS A 151 -13.89 10.99 -12.94
N ASP A 152 -13.46 11.87 -13.84
CA ASP A 152 -14.15 12.07 -15.12
C ASP A 152 -13.28 11.79 -16.33
N PHE A 153 -12.17 11.18 -16.20
CA PHE A 153 -11.25 10.82 -17.32
C PHE A 153 -10.93 9.33 -17.18
N LYS A 154 -11.66 8.50 -17.84
CA LYS A 154 -11.50 7.06 -17.83
C LYS A 154 -11.79 6.50 -19.22
N ALA A 155 -11.22 5.33 -19.46
CA ALA A 155 -11.37 4.65 -20.73
C ALA A 155 -10.96 3.20 -20.56
N ASP A 156 -11.57 2.34 -21.35
CA ASP A 156 -11.27 0.90 -21.31
C ASP A 156 -11.10 0.45 -22.75
N GLY A 157 -10.26 -0.52 -23.01
CA GLY A 157 -10.23 -1.05 -24.38
C GLY A 157 -11.21 -2.19 -24.47
N LEU A 158 -12.32 -2.03 -25.21
CA LEU A 158 -13.24 -3.13 -25.08
C LEU A 158 -12.91 -4.30 -25.98
N CYS A 159 -11.85 -4.21 -26.78
CA CYS A 159 -11.41 -5.30 -27.64
C CYS A 159 -10.00 -5.75 -27.32
N ALA A 160 -9.48 -5.38 -26.14
CA ALA A 160 -8.07 -5.59 -25.84
C ALA A 160 -7.73 -7.07 -25.71
N THR A 161 -8.64 -7.87 -25.16
CA THR A 161 -8.43 -9.31 -24.99
C THR A 161 -9.69 -10.06 -25.37
N SER A 162 -9.56 -11.37 -25.52
CA SER A 162 -10.58 -12.19 -26.13
C SER A 162 -10.82 -13.45 -25.30
N ASP A 163 -12.02 -14.01 -25.45
CA ASP A 163 -12.40 -15.29 -24.87
C ASP A 163 -12.08 -16.47 -25.78
N ASP A 164 -11.54 -16.21 -26.98
CA ASP A 164 -11.28 -17.29 -27.92
C ASP A 164 -10.36 -16.90 -29.08
N LEU A 165 -10.86 -16.11 -30.03
CA LEU A 165 -10.12 -15.81 -31.26
C LEU A 165 -9.28 -14.54 -31.13
N LYS A 166 -8.15 -14.54 -31.84
CA LYS A 166 -7.30 -13.35 -31.96
C LYS A 166 -7.88 -12.40 -33.01
N PRO A 167 -7.53 -11.11 -32.95
CA PRO A 167 -8.13 -10.14 -33.89
C PRO A 167 -7.97 -10.47 -35.36
N TRP A 168 -6.87 -11.13 -35.75
CA TRP A 168 -6.65 -11.46 -37.16
C TRP A 168 -7.24 -12.80 -37.57
N GLU A 169 -7.70 -13.61 -36.61
CA GLU A 169 -8.20 -14.92 -37.01
C GLU A 169 -9.61 -14.79 -37.58
N PRO A 170 -9.92 -15.58 -38.62
CA PRO A 170 -11.23 -15.44 -39.25
C PRO A 170 -12.35 -15.78 -38.27
N GLY A 171 -13.37 -14.94 -38.24
CA GLY A 171 -14.47 -15.10 -37.32
C GLY A 171 -14.36 -14.26 -36.06
N TYR A 172 -13.25 -13.55 -35.86
CA TYR A 172 -13.15 -12.63 -34.74
C TYR A 172 -14.24 -11.58 -34.80
N VAL A 173 -14.92 -11.37 -33.69
CA VAL A 173 -15.89 -10.29 -33.54
C VAL A 173 -15.54 -9.54 -32.26
N CYS A 174 -15.73 -8.23 -32.28
CA CYS A 174 -15.72 -7.44 -31.07
C CYS A 174 -17.04 -6.69 -31.03
N ASP A 175 -17.89 -7.00 -30.05
CA ASP A 175 -19.16 -6.31 -29.88
C ASP A 175 -18.97 -5.32 -28.73
N LEU A 176 -18.82 -4.05 -29.08
CA LEU A 176 -18.46 -3.04 -28.08
C LEU A 176 -19.47 -2.99 -26.94
N ASP A 177 -20.74 -3.24 -27.18
CA ASP A 177 -21.66 -3.27 -26.06
C ASP A 177 -22.02 -4.69 -25.62
N ASN A 178 -21.19 -5.68 -25.98
CA ASN A 178 -21.20 -6.99 -25.32
C ASN A 178 -19.79 -7.56 -25.36
N PRO A 179 -18.84 -6.95 -24.65
CA PRO A 179 -17.43 -7.34 -24.78
C PRO A 179 -17.14 -8.71 -24.19
N SER A 180 -15.96 -9.23 -24.54
CA SER A 180 -15.50 -10.51 -24.05
C SER A 180 -15.48 -10.54 -22.51
N ASN A 181 -15.52 -11.75 -21.97
CA ASN A 181 -15.42 -11.90 -20.52
C ASN A 181 -14.05 -11.46 -20.04
N SER A 182 -13.00 -11.69 -20.83
CA SER A 182 -11.69 -11.25 -20.44
C SER A 182 -11.64 -9.72 -20.35
N VAL A 183 -12.28 -9.01 -21.28
CA VAL A 183 -12.34 -7.55 -21.20
C VAL A 183 -13.11 -7.10 -19.98
N LYS A 184 -14.29 -7.70 -19.72
CA LYS A 184 -15.07 -7.31 -18.54
C LYS A 184 -14.24 -7.49 -17.27
N ALA A 185 -13.51 -8.60 -17.16
CA ALA A 185 -12.64 -8.79 -16.01
C ALA A 185 -11.55 -7.72 -15.95
N SER A 186 -10.98 -7.33 -17.11
CA SER A 186 -9.95 -6.29 -17.07
C SER A 186 -10.53 -4.96 -16.62
N ILE A 187 -11.81 -4.70 -16.90
CA ILE A 187 -12.45 -3.47 -16.43
C ILE A 187 -12.55 -3.47 -14.92
N GLU A 188 -12.94 -4.59 -14.32
CA GLU A 188 -12.96 -4.66 -12.86
C GLU A 188 -11.57 -4.53 -12.27
N VAL A 189 -10.54 -4.99 -13.00
CA VAL A 189 -9.16 -4.81 -12.52
C VAL A 189 -8.79 -3.33 -12.49
N GLN A 190 -9.07 -2.60 -13.57
CA GLN A 190 -8.86 -1.14 -13.55
C GLN A 190 -9.52 -0.52 -12.31
N ASN A 191 -10.79 -0.88 -12.05
CA ASN A 191 -11.55 -0.29 -10.95
C ASN A 191 -10.99 -0.68 -9.59
N ILE A 192 -10.57 -1.94 -9.43
CA ILE A 192 -9.94 -2.34 -8.17
C ILE A 192 -8.66 -1.53 -7.93
N LEU A 193 -7.84 -1.37 -8.98
CA LEU A 193 -6.58 -0.64 -8.81
C LEU A 193 -6.84 0.83 -8.49
N ALA A 194 -7.85 1.45 -9.11
CA ALA A 194 -8.15 2.84 -8.81
C ALA A 194 -8.60 2.99 -7.36
N ASN A 195 -9.41 2.04 -6.87
CA ASN A 195 -9.81 2.06 -5.47
C ASN A 195 -8.65 1.83 -4.52
N LYS A 196 -7.51 1.34 -4.99
CA LYS A 196 -6.33 1.26 -4.14
C LYS A 196 -5.41 2.46 -4.31
N GLY A 197 -5.82 3.46 -5.07
CA GLY A 197 -5.02 4.67 -5.24
C GLY A 197 -4.23 4.77 -6.54
N TYR A 198 -4.36 3.80 -7.45
CA TYR A 198 -3.59 3.84 -8.68
C TYR A 198 -4.24 4.77 -9.69
N GLN A 199 -3.39 5.39 -10.51
CA GLN A 199 -3.78 5.83 -11.83
C GLN A 199 -3.28 4.79 -12.81
N THR A 200 -4.04 4.57 -13.88
CA THR A 200 -3.59 3.74 -14.97
C THR A 200 -3.60 4.58 -16.24
N HIS A 201 -2.55 4.43 -17.05
CA HIS A 201 -2.38 5.18 -18.29
C HIS A 201 -2.30 4.19 -19.44
N GLY A 202 -3.04 4.46 -20.50
CA GLY A 202 -2.88 3.74 -21.74
C GLY A 202 -1.84 4.40 -22.61
N TRP A 203 -2.05 4.44 -23.92
CA TRP A 203 -1.06 5.02 -24.80
C TRP A 203 -1.77 5.63 -26.01
N ASP A 204 -1.13 6.64 -26.61
CA ASP A 204 -1.58 7.28 -27.84
C ASP A 204 -1.03 6.58 -29.09
N VAL A 205 0.24 6.19 -29.04
CA VAL A 205 0.93 5.58 -30.18
C VAL A 205 1.87 4.50 -29.64
N ASP A 206 2.04 3.43 -30.41
CA ASP A 206 2.84 2.27 -30.07
C ASP A 206 4.03 2.19 -31.02
N TRP A 207 5.24 2.34 -30.50
CA TRP A 207 6.44 2.23 -31.32
C TRP A 207 6.75 0.74 -31.47
N SER A 208 6.30 0.15 -32.56
CA SER A 208 6.29 -1.31 -32.70
C SER A 208 6.81 -1.73 -34.06
N PRO A 209 7.14 -3.03 -34.23
CA PRO A 209 7.50 -3.53 -35.54
C PRO A 209 6.38 -3.36 -36.52
N GLU A 210 6.64 -2.69 -37.64
CA GLU A 210 5.54 -2.43 -38.61
C GLU A 210 5.38 -3.63 -39.56
N ASN A 211 6.06 -4.78 -39.24
CA ASN A 211 5.83 -6.00 -39.99
C ASN A 211 6.22 -7.16 -39.06
N TRP A 212 5.23 -7.67 -38.32
CA TRP A 212 5.48 -8.81 -37.43
C TRP A 212 5.67 -10.13 -38.18
N GLY A 213 5.58 -10.13 -39.50
CA GLY A 213 5.61 -11.36 -40.26
C GLY A 213 6.98 -11.92 -40.55
N ILE A 214 7.94 -11.06 -40.88
CA ILE A 214 9.25 -11.48 -41.40
C ILE A 214 10.02 -12.24 -40.32
N PRO A 215 11.13 -12.92 -40.66
CA PRO A 215 11.84 -13.71 -39.63
C PRO A 215 12.34 -12.90 -38.45
N MET A 216 12.85 -11.70 -38.68
CA MET A 216 13.33 -10.88 -37.57
C MET A 216 12.47 -9.64 -37.42
N PRO A 217 11.30 -9.75 -36.78
CA PRO A 217 10.34 -8.62 -36.82
C PRO A 217 10.85 -7.33 -36.21
N ALA A 218 11.77 -7.39 -35.23
CA ALA A 218 12.23 -6.16 -34.59
C ALA A 218 12.88 -5.21 -35.59
N ASN A 219 13.52 -5.75 -36.64
CA ASN A 219 14.18 -4.91 -37.63
C ASN A 219 13.21 -3.93 -38.28
N SER A 220 11.90 -4.22 -38.28
CA SER A 220 10.93 -3.36 -38.94
C SER A 220 10.35 -2.30 -38.01
N LEU A 221 11.00 -2.04 -36.88
CA LEU A 221 10.59 -0.94 -36.02
C LEU A 221 10.63 0.37 -36.80
N THR A 222 9.58 1.16 -36.68
CA THR A 222 9.45 2.39 -37.47
C THR A 222 10.67 3.27 -37.30
N GLU A 223 11.18 3.80 -38.42
CA GLU A 223 12.32 4.71 -38.40
C GLU A 223 12.02 5.94 -37.56
N ALA A 224 13.10 6.53 -37.01
CA ALA A 224 12.96 7.69 -36.13
C ALA A 224 12.16 8.81 -36.77
N GLU A 225 12.50 9.16 -38.01
CA GLU A 225 11.82 10.25 -38.70
C GLU A 225 10.35 9.94 -38.92
N ALA A 226 10.05 8.73 -39.38
CA ALA A 226 8.65 8.35 -39.59
C ALA A 226 7.90 8.34 -38.27
N PHE A 227 8.57 7.91 -37.20
CA PHE A 227 7.88 7.80 -35.93
C PHE A 227 7.56 9.18 -35.36
N LEU A 228 8.43 10.17 -35.56
CA LEU A 228 8.07 11.51 -35.16
C LEU A 228 6.87 12.00 -35.94
N GLY A 229 6.69 11.52 -37.18
CA GLY A 229 5.47 11.80 -37.93
C GLY A 229 4.24 11.23 -37.26
N TYR A 230 4.34 10.02 -36.71
CA TYR A 230 3.22 9.43 -35.97
C TYR A 230 2.94 10.21 -34.70
N VAL A 231 3.99 10.71 -34.04
CA VAL A 231 3.78 11.49 -32.83
C VAL A 231 3.08 12.80 -33.19
N ASP A 232 3.53 13.47 -34.26
CA ASP A 232 2.81 14.64 -34.76
C ASP A 232 1.33 14.33 -34.96
N ALA A 233 1.04 13.21 -35.64
CA ALA A 233 -0.36 12.91 -35.96
C ALA A 233 -1.16 12.61 -34.70
N ALA A 234 -0.51 12.12 -33.64
CA ALA A 234 -1.22 11.77 -32.41
C ALA A 234 -1.59 12.98 -31.59
N LEU A 235 -0.92 14.11 -31.82
CA LEU A 235 -1.10 15.30 -31.00
C LEU A 235 -2.51 15.87 -31.18
N ASN A 236 -3.29 15.92 -30.09
CA ASN A 236 -4.60 16.56 -30.08
C ASN A 236 -5.58 15.91 -31.06
N SER A 237 -5.37 14.63 -31.38
CA SER A 237 -6.22 13.96 -32.37
C SER A 237 -6.96 12.77 -31.78
N CYS A 238 -6.99 12.65 -30.46
CA CYS A 238 -7.65 11.53 -29.79
C CYS A 238 -7.15 10.21 -30.34
N ALA A 239 -5.82 10.10 -30.45
CA ALA A 239 -5.21 8.89 -31.01
C ALA A 239 -5.55 7.60 -30.26
N PRO A 240 -5.84 7.58 -28.95
CA PRO A 240 -6.19 6.30 -28.34
C PRO A 240 -7.43 5.63 -28.92
N THR A 241 -8.38 6.40 -29.45
CA THR A 241 -9.54 5.80 -30.08
C THR A 241 -9.33 5.51 -31.56
N THR A 242 -8.36 6.12 -32.21
CA THR A 242 -8.18 5.87 -33.64
C THR A 242 -7.04 4.92 -33.95
N ILE A 243 -6.22 4.57 -32.95
CA ILE A 243 -5.06 3.72 -33.17
C ILE A 243 -5.46 2.35 -33.76
N ASN A 244 -4.53 1.78 -34.56
CA ASN A 244 -4.66 0.40 -34.99
C ASN A 244 -3.56 -0.44 -34.32
N PRO A 245 -3.80 -1.74 -34.10
CA PRO A 245 -4.99 -2.51 -34.47
C PRO A 245 -6.15 -2.36 -33.48
N ILE A 246 -7.21 -3.13 -33.67
CA ILE A 246 -8.45 -2.94 -32.92
C ILE A 246 -8.25 -3.20 -31.43
N ASN A 247 -7.41 -4.17 -31.06
CA ASN A 247 -7.23 -4.49 -29.66
C ASN A 247 -6.39 -3.46 -28.92
N SER A 248 -5.89 -2.45 -29.61
CA SER A 248 -5.16 -1.37 -28.97
C SER A 248 -5.99 -0.12 -28.72
N LYS A 249 -7.22 -0.05 -29.21
CA LYS A 249 -8.04 1.14 -29.00
C LYS A 249 -8.45 1.26 -27.54
N ALA A 250 -8.59 2.51 -27.09
CA ALA A 250 -9.24 2.84 -25.83
C ALA A 250 -10.63 3.36 -26.16
N HIS A 251 -11.66 2.70 -25.67
CA HIS A 251 -13.00 3.14 -25.98
C HIS A 251 -13.56 4.02 -24.87
N GLY A 252 -14.41 4.97 -25.25
CA GLY A 252 -14.92 5.95 -24.33
C GLY A 252 -13.91 6.98 -23.91
N PHE A 253 -12.83 7.16 -24.67
CA PHE A 253 -11.81 8.12 -24.28
C PHE A 253 -12.37 9.53 -24.41
N PRO A 254 -12.24 10.38 -23.37
CA PRO A 254 -12.79 11.74 -23.46
C PRO A 254 -11.93 12.65 -24.33
N CYS A 255 -12.25 12.68 -25.63
CA CYS A 255 -11.31 13.09 -26.68
C CYS A 255 -10.67 14.45 -26.42
N GLY A 256 -11.46 15.48 -26.23
CA GLY A 256 -10.77 16.77 -26.12
C GLY A 256 -10.46 17.22 -24.70
N THR A 257 -10.41 16.30 -23.74
CA THR A 257 -10.30 16.70 -22.34
C THR A 257 -8.98 17.46 -22.11
N PRO A 258 -9.00 18.54 -21.33
CA PRO A 258 -7.81 19.41 -21.23
C PRO A 258 -6.58 18.71 -20.69
N LEU A 259 -6.74 17.74 -19.80
CA LEU A 259 -5.60 17.04 -19.22
C LEU A 259 -4.80 16.25 -20.26
N HIS A 260 -5.40 15.95 -21.41
CA HIS A 260 -4.70 15.19 -22.44
C HIS A 260 -4.22 16.06 -23.59
N ALA A 261 -4.45 17.37 -23.53
CA ALA A 261 -4.11 18.24 -24.64
C ALA A 261 -2.61 18.43 -24.75
N ASP A 262 -2.09 18.44 -25.99
CA ASP A 262 -0.67 18.63 -26.28
C ASP A 262 0.20 17.57 -25.62
N LYS A 263 -0.30 16.34 -25.57
CA LYS A 263 0.41 15.24 -24.95
C LYS A 263 0.27 14.00 -25.80
N VAL A 264 1.32 13.18 -25.82
CA VAL A 264 1.37 11.93 -26.58
C VAL A 264 2.09 10.93 -25.69
N VAL A 265 1.39 9.88 -25.29
CA VAL A 265 2.01 8.79 -24.53
C VAL A 265 2.46 7.72 -25.53
N VAL A 266 3.76 7.44 -25.54
CA VAL A 266 4.34 6.43 -26.42
C VAL A 266 4.51 5.13 -25.63
N LEU A 267 4.04 4.03 -26.22
CA LEU A 267 4.31 2.68 -25.72
C LEU A 267 5.37 2.00 -26.57
N THR A 268 6.35 1.39 -25.91
CA THR A 268 7.29 0.50 -26.58
C THR A 268 7.83 -0.47 -25.54
N HIS A 269 8.76 -1.35 -25.96
CA HIS A 269 9.25 -2.43 -25.12
C HIS A 269 10.76 -2.59 -25.27
N GLU A 270 11.47 -2.72 -24.14
CA GLU A 270 12.91 -2.91 -24.20
C GLU A 270 13.29 -4.15 -25.03
N PHE A 271 12.47 -5.20 -25.02
CA PHE A 271 12.89 -6.40 -25.75
C PHE A 271 12.99 -6.15 -27.25
N LEU A 272 12.46 -5.04 -27.76
CA LEU A 272 12.63 -4.63 -29.15
C LEU A 272 13.98 -3.96 -29.43
N TYR A 273 14.83 -3.74 -28.42
CA TYR A 273 16.11 -3.07 -28.60
C TYR A 273 17.25 -4.01 -28.20
N GLU A 274 17.06 -5.28 -28.47
CA GLU A 274 18.01 -6.32 -28.12
C GLU A 274 18.35 -7.14 -29.35
N ASP A 275 19.61 -7.51 -29.48
CA ASP A 275 20.02 -8.45 -30.52
C ASP A 275 19.75 -9.85 -30.01
N GLY A 276 18.78 -10.54 -30.61
CA GLY A 276 18.40 -11.86 -30.15
C GLY A 276 17.24 -12.49 -30.89
N LYS A 277 16.36 -13.17 -30.14
CA LYS A 277 15.34 -14.02 -30.76
C LYS A 277 14.39 -13.24 -31.65
N ARG A 278 14.20 -11.94 -31.41
CA ARG A 278 13.28 -11.14 -32.22
C ARG A 278 13.98 -10.37 -33.33
N GLY A 279 15.33 -10.46 -33.45
CA GLY A 279 16.04 -9.83 -34.54
C GLY A 279 17.24 -9.04 -34.03
N MET A 280 17.71 -8.14 -34.91
CA MET A 280 18.85 -7.28 -34.61
C MET A 280 18.40 -5.98 -33.92
N GLY A 281 17.67 -6.15 -32.81
CA GLY A 281 17.04 -5.00 -32.18
C GLY A 281 18.02 -3.98 -31.63
N ALA A 282 19.13 -4.46 -31.06
CA ALA A 282 20.09 -3.55 -30.45
C ALA A 282 20.81 -2.73 -31.52
N THR A 283 21.47 -3.39 -32.49
CA THR A 283 22.28 -2.60 -33.42
C THR A 283 21.43 -1.79 -34.38
N GLN A 284 20.16 -2.15 -34.58
CA GLN A 284 19.30 -1.41 -35.51
C GLN A 284 18.31 -0.46 -34.85
N ASN A 285 17.75 -0.79 -33.69
CA ASN A 285 16.73 0.05 -33.10
C ASN A 285 17.26 1.00 -32.05
N LEU A 286 18.32 0.64 -31.31
CA LEU A 286 18.95 1.60 -30.42
C LEU A 286 19.36 2.89 -31.14
N PRO A 287 19.95 2.87 -32.34
CA PRO A 287 20.15 4.14 -33.04
C PRO A 287 18.85 4.83 -33.40
N LYS A 288 17.79 4.08 -33.70
CA LYS A 288 16.51 4.73 -33.98
C LYS A 288 16.03 5.50 -32.76
N LEU A 289 16.19 4.93 -31.57
CA LEU A 289 15.76 5.60 -30.36
C LEU A 289 16.58 6.86 -30.11
N ALA A 290 17.90 6.78 -30.27
CA ALA A 290 18.73 7.95 -30.03
C ALA A 290 18.35 9.08 -30.99
N LYS A 291 18.19 8.77 -32.28
CA LYS A 291 17.88 9.81 -33.26
C LYS A 291 16.51 10.43 -33.00
N PHE A 292 15.51 9.59 -32.67
CA PHE A 292 14.18 10.10 -32.37
C PHE A 292 14.22 11.09 -31.21
N LEU A 293 14.95 10.74 -30.14
CA LEU A 293 15.07 11.64 -29.00
C LEU A 293 15.61 13.00 -29.41
N ARG A 294 16.64 13.02 -30.26
CA ARG A 294 17.23 14.28 -30.69
C ARG A 294 16.30 15.07 -31.62
N ILE A 295 15.67 14.39 -32.57
CA ILE A 295 14.87 15.15 -33.53
C ILE A 295 13.54 15.61 -32.93
N ALA A 296 13.00 14.89 -31.94
CA ALA A 296 11.80 15.38 -31.26
C ALA A 296 12.12 16.63 -30.45
N LYS A 297 13.21 16.60 -29.68
CA LYS A 297 13.68 17.81 -29.03
C LYS A 297 13.87 18.94 -30.04
N GLU A 298 14.54 18.66 -31.15
CA GLU A 298 14.78 19.73 -32.13
C GLU A 298 13.48 20.31 -32.66
N ALA A 299 12.45 19.48 -32.82
CA ALA A 299 11.17 19.92 -33.36
C ALA A 299 10.36 20.76 -32.38
N GLY A 300 10.76 20.81 -31.11
CA GLY A 300 10.00 21.53 -30.10
C GLY A 300 9.30 20.66 -29.07
N TYR A 301 9.43 19.34 -29.13
CA TYR A 301 8.82 18.50 -28.12
C TYR A 301 9.65 18.48 -26.85
N VAL A 302 8.98 18.18 -25.75
CA VAL A 302 9.62 17.98 -24.47
C VAL A 302 9.21 16.59 -23.98
N PHE A 303 10.10 15.95 -23.24
CA PHE A 303 9.86 14.61 -22.73
C PHE A 303 9.62 14.68 -21.22
N ASP A 304 8.62 13.95 -20.75
CA ASP A 304 8.27 13.94 -19.35
C ASP A 304 7.86 12.52 -18.95
N THR A 305 7.63 12.31 -17.67
CA THR A 305 7.31 11.01 -17.13
C THR A 305 5.91 11.01 -16.56
N ILE A 306 5.31 9.82 -16.51
CA ILE A 306 3.88 9.70 -16.26
C ILE A 306 3.48 10.29 -14.90
N ASP A 307 4.39 10.29 -13.92
CA ASP A 307 4.09 10.90 -12.62
C ASP A 307 3.79 12.41 -12.72
N ASN A 308 4.23 13.09 -13.78
CA ASN A 308 3.87 14.49 -13.97
C ASN A 308 2.79 14.68 -15.05
N TYR A 309 2.31 13.59 -15.66
CA TYR A 309 1.20 13.68 -16.61
C TYR A 309 0.02 14.45 -16.02
N THR A 310 -0.39 14.08 -14.81
CA THR A 310 -1.22 14.95 -13.99
C THR A 310 -0.25 15.78 -13.15
N PRO A 311 -0.07 17.07 -13.47
CA PRO A 311 1.01 17.85 -12.85
C PRO A 311 1.01 17.75 -11.33
N VAL A 312 2.21 17.58 -10.77
CA VAL A 312 2.40 17.53 -9.33
C VAL A 312 2.29 18.94 -8.76
N TRP A 313 1.48 19.09 -7.71
CA TRP A 313 1.28 20.37 -7.05
C TRP A 313 2.60 20.90 -6.48
N GLN A 314 2.84 22.20 -6.65
CA GLN A 314 4.06 22.85 -6.16
C GLN A 314 3.77 24.26 -5.69
N VAL A 315 4.33 24.62 -4.54
CA VAL A 315 4.30 25.99 -4.06
C VAL A 315 4.74 26.94 -5.16
N GLY A 316 4.00 28.04 -5.32
CA GLY A 316 4.36 29.08 -6.26
C GLY A 316 3.75 28.93 -7.63
N ASN A 317 3.34 27.72 -8.02
CA ASN A 317 2.68 27.56 -9.30
C ASN A 317 1.32 28.26 -9.30
N ALA A 318 0.91 28.71 -10.48
CA ALA A 318 -0.42 29.26 -10.68
C ALA A 318 -1.33 28.19 -11.24
N TYR A 319 -2.56 28.14 -10.74
CA TYR A 319 -3.58 27.23 -11.22
C TYR A 319 -4.83 28.00 -11.64
N ALA A 320 -5.47 27.53 -12.70
CA ALA A 320 -6.76 28.05 -13.09
C ALA A 320 -7.85 27.16 -12.50
N ALA A 321 -9.03 27.73 -12.32
CA ALA A 321 -10.20 26.93 -11.97
C ALA A 321 -10.30 25.73 -12.91
N GLY A 322 -10.39 24.53 -12.33
CA GLY A 322 -10.54 23.32 -13.10
C GLY A 322 -9.25 22.58 -13.42
N ASP A 323 -8.09 23.14 -13.11
CA ASP A 323 -6.85 22.40 -13.34
C ASP A 323 -6.76 21.24 -12.36
N TYR A 324 -6.18 20.13 -12.85
CA TYR A 324 -5.96 18.93 -12.09
C TYR A 324 -4.51 18.88 -11.63
N VAL A 325 -4.29 18.51 -10.38
CA VAL A 325 -2.95 18.23 -9.89
C VAL A 325 -2.95 16.88 -9.21
N THR A 326 -1.75 16.45 -8.88
CA THR A 326 -1.59 15.22 -8.06
C THR A 326 -0.78 15.66 -6.84
N HIS A 327 -1.24 15.33 -5.65
CA HIS A 327 -0.63 15.73 -4.38
C HIS A 327 -0.54 14.50 -3.49
N SER A 328 0.68 14.18 -3.03
CA SER A 328 0.97 12.92 -2.34
C SER A 328 0.16 11.77 -2.91
N GLY A 329 0.12 11.63 -4.25
CA GLY A 329 -0.53 10.48 -4.85
C GLY A 329 -2.00 10.65 -5.16
N THR A 330 -2.66 11.67 -4.58
CA THR A 330 -4.10 11.90 -4.79
C THR A 330 -4.34 12.97 -5.85
N VAL A 331 -5.34 12.73 -6.70
CA VAL A 331 -5.72 13.66 -7.77
C VAL A 331 -6.72 14.67 -7.22
N TYR A 332 -6.50 15.95 -7.54
CA TYR A 332 -7.32 17.06 -7.05
C TYR A 332 -7.64 18.02 -8.20
N LYS A 333 -8.81 18.65 -8.11
CA LYS A 333 -9.26 19.63 -9.08
C LYS A 333 -9.36 21.00 -8.40
N ALA A 334 -8.90 22.04 -9.07
CA ALA A 334 -8.90 23.37 -8.46
C ALA A 334 -10.29 24.00 -8.49
N VAL A 335 -10.72 24.54 -7.35
CA VAL A 335 -12.02 25.20 -7.24
C VAL A 335 -11.98 26.61 -7.83
N THR A 336 -10.86 27.35 -7.64
CA THR A 336 -10.70 28.70 -8.17
C THR A 336 -9.27 28.94 -8.62
N ALA A 337 -9.10 29.96 -9.47
CA ALA A 337 -7.79 30.38 -9.94
C ALA A 337 -6.98 30.98 -8.79
N HIS A 338 -5.75 30.53 -8.63
CA HIS A 338 -4.98 30.97 -7.47
C HIS A 338 -3.51 30.62 -7.68
N ILE A 339 -2.71 31.12 -6.75
CA ILE A 339 -1.27 30.78 -6.77
C ILE A 339 -1.04 29.93 -5.52
N ALA A 340 -0.51 28.72 -5.71
CA ALA A 340 -0.29 27.80 -4.60
C ALA A 340 0.62 28.44 -3.56
N GLN A 341 0.11 28.55 -2.34
CA GLN A 341 0.90 28.91 -1.17
C GLN A 341 0.94 27.70 -0.24
N GLN A 342 2.01 27.62 0.56
CA GLN A 342 2.34 26.37 1.25
C GLN A 342 1.25 25.89 2.20
N ASP A 343 0.42 26.79 2.70
CA ASP A 343 -0.69 26.38 3.57
C ASP A 343 -1.96 26.03 2.80
N TRP A 344 -2.02 26.31 1.50
CA TRP A 344 -3.15 25.95 0.65
C TRP A 344 -2.89 24.66 -0.11
N ALA A 345 -2.17 23.71 0.46
CA ALA A 345 -2.01 22.43 -0.19
C ALA A 345 -3.36 21.72 -0.29
N PRO A 346 -3.55 20.90 -1.32
CA PRO A 346 -4.77 20.08 -1.38
C PRO A 346 -4.85 19.17 -0.16
N SER A 347 -6.07 18.91 0.28
CA SER A 347 -6.31 18.01 1.39
C SER A 347 -7.76 17.56 1.38
N SER A 348 -8.12 16.73 2.35
CA SER A 348 -9.47 16.21 2.43
C SER A 348 -10.46 17.19 3.02
N THR A 349 -10.03 18.39 3.44
CA THR A 349 -10.96 19.44 3.86
C THR A 349 -10.64 20.78 3.22
N SER A 350 -9.74 20.82 2.25
CA SER A 350 -9.39 22.07 1.58
C SER A 350 -10.58 22.61 0.81
N SER A 351 -10.80 23.92 0.91
CA SER A 351 -11.86 24.56 0.14
C SER A 351 -11.37 25.06 -1.22
N LEU A 352 -10.07 24.92 -1.51
CA LEU A 352 -9.47 25.30 -2.78
C LEU A 352 -9.41 24.13 -3.78
N TRP A 353 -9.47 22.90 -3.28
CA TRP A 353 -9.26 21.71 -4.09
C TRP A 353 -10.32 20.68 -3.71
N THR A 354 -10.83 19.96 -4.70
CA THR A 354 -11.61 18.77 -4.38
C THR A 354 -10.92 17.53 -4.93
N ASN A 355 -11.07 16.44 -4.19
CA ASN A 355 -10.58 15.14 -4.61
C ASN A 355 -11.23 14.73 -5.93
N ALA A 356 -10.41 14.28 -6.89
CA ALA A 356 -10.92 13.83 -8.17
C ALA A 356 -10.22 12.53 -8.59
N ASP A 357 -9.81 11.72 -7.62
CA ASP A 357 -9.28 10.38 -7.87
C ASP A 357 -10.24 9.59 -8.76
N PRO A 358 -9.73 8.72 -9.63
CA PRO A 358 -10.61 7.90 -10.47
C PRO A 358 -11.25 6.74 -9.70
N ALA A 359 -11.09 6.73 -8.38
CA ALA A 359 -11.66 5.68 -7.54
C ALA A 359 -13.18 5.86 -7.42
N THR A 360 -13.87 4.75 -7.11
CA THR A 360 -15.32 4.76 -6.94
C THR A 360 -15.77 4.47 -5.52
N ASN A 361 -14.84 4.14 -4.62
CA ASN A 361 -15.15 4.11 -3.20
C ASN A 361 -15.44 5.52 -2.71
N TRP A 362 -16.44 5.65 -1.85
CA TRP A 362 -16.73 6.93 -1.23
C TRP A 362 -15.45 7.52 -0.64
N THR A 363 -15.21 8.80 -0.94
CA THR A 363 -13.98 9.47 -0.53
C THR A 363 -14.32 10.86 0.02
N LEU A 364 -13.44 11.39 0.87
CA LEU A 364 -13.67 12.72 1.42
C LEU A 364 -13.36 13.79 0.38
N ASN A 365 -14.12 14.90 0.47
CA ASN A 365 -13.87 16.13 -0.27
C ASN A 365 -14.02 15.93 -1.78
N VAL A 366 -14.91 15.02 -2.17
CA VAL A 366 -15.22 14.76 -3.57
C VAL A 366 -16.44 15.59 -3.94
N SER A 367 -16.40 16.20 -5.11
CA SER A 367 -17.57 16.91 -5.62
C SER A 367 -18.46 15.90 -6.33
N TYR A 368 -19.42 15.34 -5.58
CA TYR A 368 -20.30 14.32 -6.13
C TYR A 368 -21.47 14.95 -6.90
N GLU A 369 -21.86 14.31 -8.00
CA GLU A 369 -22.99 14.69 -8.82
C GLU A 369 -24.10 13.64 -8.69
N ALA A 370 -25.34 14.08 -8.87
CA ALA A 370 -26.44 13.12 -8.88
C ALA A 370 -26.21 12.12 -10.00
N GLY A 371 -26.42 10.84 -9.71
CA GLY A 371 -26.14 9.78 -10.63
C GLY A 371 -24.81 9.07 -10.40
N ASP A 372 -23.88 9.69 -9.66
CA ASP A 372 -22.68 8.98 -9.26
C ASP A 372 -23.05 7.81 -8.35
N VAL A 373 -22.20 6.77 -8.37
CA VAL A 373 -22.37 5.60 -7.52
C VAL A 373 -21.09 5.39 -6.74
N VAL A 374 -21.22 5.25 -5.42
CA VAL A 374 -20.06 5.06 -4.57
C VAL A 374 -20.24 3.76 -3.81
N THR A 375 -19.11 3.24 -3.32
CA THR A 375 -19.06 2.03 -2.54
C THR A 375 -18.54 2.39 -1.16
N TYR A 376 -19.21 1.90 -0.13
CA TYR A 376 -18.89 2.24 1.24
C TYR A 376 -19.32 1.09 2.14
N GLN A 377 -18.38 0.62 2.97
CA GLN A 377 -18.58 -0.55 3.82
C GLN A 377 -19.23 -1.70 3.07
N GLY A 378 -18.75 -1.97 1.86
CA GLY A 378 -19.26 -3.09 1.08
C GLY A 378 -20.56 -2.84 0.34
N LEU A 379 -21.23 -1.72 0.58
CA LEU A 379 -22.50 -1.43 -0.07
C LEU A 379 -22.31 -0.36 -1.15
N ARG A 380 -23.16 -0.41 -2.15
CA ARG A 380 -23.19 0.56 -3.23
C ARG A 380 -24.32 1.56 -2.98
N TYR A 381 -24.03 2.84 -3.22
CA TYR A 381 -24.98 3.91 -2.99
C TYR A 381 -25.02 4.83 -4.20
N LEU A 382 -26.23 5.21 -4.58
CA LEU A 382 -26.46 6.22 -5.58
C LEU A 382 -26.48 7.59 -4.92
N VAL A 383 -25.80 8.55 -5.55
CA VAL A 383 -25.85 9.94 -5.09
C VAL A 383 -27.14 10.58 -5.63
N ASN A 384 -28.01 11.01 -4.72
CA ASN A 384 -29.25 11.69 -5.13
C ASN A 384 -29.02 13.16 -5.39
N VAL A 385 -28.20 13.81 -4.57
CA VAL A 385 -28.12 15.26 -4.48
C VAL A 385 -26.65 15.66 -4.58
N PRO A 386 -26.29 16.52 -5.53
CA PRO A 386 -24.87 16.90 -5.65
C PRO A 386 -24.39 17.61 -4.40
N HIS A 387 -23.20 17.24 -3.94
CA HIS A 387 -22.65 17.77 -2.72
C HIS A 387 -21.15 17.48 -2.71
N VAL A 388 -20.43 18.21 -1.87
CA VAL A 388 -19.02 17.94 -1.62
C VAL A 388 -18.97 17.08 -0.36
N SER A 389 -18.42 15.87 -0.49
CA SER A 389 -18.47 14.92 0.61
C SER A 389 -17.63 15.39 1.79
N GLN A 390 -18.02 14.95 2.99
CA GLN A 390 -17.28 15.27 4.19
C GLN A 390 -17.56 14.19 5.22
N ALA A 391 -16.72 14.18 6.27
CA ALA A 391 -16.66 13.07 7.20
C ALA A 391 -17.98 12.82 7.94
N ASP A 392 -18.79 13.86 8.15
CA ASP A 392 -20.10 13.75 8.79
C ASP A 392 -21.19 13.23 7.86
N TRP A 393 -20.90 13.04 6.57
CA TRP A 393 -21.90 12.76 5.55
C TRP A 393 -21.66 11.40 4.90
N THR A 394 -21.28 10.42 5.71
CA THR A 394 -21.03 9.09 5.17
C THR A 394 -22.32 8.49 4.60
N PRO A 395 -22.20 7.69 3.53
CA PRO A 395 -23.41 7.14 2.89
C PRO A 395 -24.33 6.37 3.83
N ASN A 396 -23.79 5.56 4.73
CA ASN A 396 -24.68 4.70 5.52
C ASN A 396 -25.63 5.48 6.42
N THR A 397 -25.27 6.72 6.80
CA THR A 397 -26.12 7.57 7.62
C THR A 397 -26.94 8.57 6.81
N GLN A 398 -26.42 9.13 5.70
CA GLN A 398 -27.11 10.17 4.95
C GLN A 398 -28.12 9.54 4.00
N ASN A 399 -29.22 9.09 4.60
CA ASN A 399 -30.23 8.39 3.81
C ASN A 399 -30.91 9.34 2.83
N THR A 400 -30.63 10.65 2.91
CA THR A 400 -31.24 11.53 1.92
C THR A 400 -30.29 11.89 0.78
N LEU A 401 -28.98 12.02 1.06
CA LEU A 401 -28.04 12.30 -0.03
C LEU A 401 -27.77 11.06 -0.86
N PHE A 402 -27.84 9.88 -0.25
CA PHE A 402 -27.51 8.61 -0.86
C PHE A 402 -28.66 7.63 -0.75
N THR A 403 -28.80 6.77 -1.76
CA THR A 403 -29.73 5.65 -1.74
C THR A 403 -28.95 4.36 -1.93
N ALA A 404 -29.10 3.43 -1.00
CA ALA A 404 -28.44 2.15 -1.12
C ALA A 404 -29.01 1.35 -2.28
N LEU A 405 -28.13 0.67 -3.03
CA LEU A 405 -28.48 -0.13 -4.19
C LEU A 405 -28.40 -1.62 -3.90
N SER A 406 -28.67 -2.41 -4.94
CA SER A 406 -28.68 -3.89 -4.93
C SER A 406 -28.89 -4.55 -3.57
N PRO B 4 -13.27 11.91 32.14
CA PRO B 4 -12.89 10.54 31.88
C PRO B 4 -11.60 10.18 32.59
N LYS B 5 -11.66 9.20 33.48
CA LYS B 5 -10.45 8.76 34.23
C LYS B 5 -9.37 8.40 33.22
N GLY B 6 -9.75 7.74 32.15
CA GLY B 6 -8.79 7.45 31.12
C GLY B 6 -9.45 6.70 30.00
N THR B 7 -8.64 6.31 29.02
CA THR B 7 -9.10 5.62 27.83
C THR B 7 -8.44 4.24 27.74
N ILE B 8 -9.23 3.21 27.53
CA ILE B 8 -8.78 1.83 27.39
C ILE B 8 -8.89 1.43 25.92
N TYR B 9 -7.83 0.83 25.38
CA TYR B 9 -7.81 0.32 24.01
C TYR B 9 -7.77 -1.20 24.11
N LEU B 10 -8.92 -1.82 23.92
CA LEU B 10 -9.04 -3.28 23.93
C LEU B 10 -8.56 -3.81 22.59
N THR B 11 -7.51 -4.64 22.60
CA THR B 11 -6.95 -5.14 21.37
C THR B 11 -6.87 -6.66 21.45
N PHE B 12 -7.25 -7.33 20.37
CA PHE B 12 -7.34 -8.79 20.32
C PHE B 12 -6.42 -9.29 19.23
N ASP B 13 -5.58 -10.27 19.56
CA ASP B 13 -4.58 -10.76 18.60
C ASP B 13 -4.85 -12.19 18.19
N ASP B 14 -4.45 -12.50 16.95
CA ASP B 14 -4.30 -13.85 16.39
C ASP B 14 -5.58 -14.42 15.78
N GLY B 15 -6.63 -13.61 15.67
CA GLY B 15 -7.78 -13.95 14.88
C GLY B 15 -7.44 -13.78 13.40
N PRO B 16 -8.45 -13.85 12.52
CA PRO B 16 -9.85 -14.16 12.82
C PRO B 16 -10.08 -15.66 12.93
N ILE B 17 -10.72 -16.09 14.01
CA ILE B 17 -11.06 -17.48 14.24
C ILE B 17 -12.52 -17.54 14.66
N ASN B 18 -13.03 -18.75 14.79
CA ASN B 18 -14.44 -18.90 15.15
C ASN B 18 -14.74 -18.15 16.44
N ALA B 19 -13.87 -18.29 17.44
CA ALA B 19 -14.09 -17.62 18.71
C ALA B 19 -14.17 -16.11 18.55
N SER B 20 -13.53 -15.54 17.52
CA SER B 20 -13.63 -14.10 17.27
C SER B 20 -15.08 -13.61 17.21
N ILE B 21 -16.00 -14.46 16.73
CA ILE B 21 -17.39 -14.07 16.58
C ILE B 21 -18.05 -13.84 17.94
N ASP B 22 -17.84 -14.76 18.87
CA ASP B 22 -18.40 -14.61 20.21
C ASP B 22 -17.86 -13.34 20.89
N VAL B 23 -16.56 -13.09 20.74
CA VAL B 23 -15.95 -11.90 21.33
C VAL B 23 -16.56 -10.63 20.75
N ILE B 24 -16.58 -10.55 19.42
CA ILE B 24 -17.22 -9.42 18.75
C ILE B 24 -18.67 -9.25 19.22
N ASN B 25 -19.40 -10.37 19.41
CA ASN B 25 -20.78 -10.27 19.86
C ASN B 25 -20.88 -9.68 21.27
N VAL B 26 -19.90 -9.96 22.14
CA VAL B 26 -19.91 -9.39 23.49
C VAL B 26 -19.63 -7.89 23.43
N LEU B 27 -18.63 -7.47 22.66
CA LEU B 27 -18.39 -6.05 22.46
C LEU B 27 -19.63 -5.35 21.89
N ASN B 28 -20.31 -5.98 20.94
CA ASN B 28 -21.44 -5.31 20.30
C ASN B 28 -22.64 -5.15 21.23
N GLU B 29 -22.82 -6.04 22.20
CA GLU B 29 -23.93 -5.90 23.16
C GLU B 29 -23.83 -4.63 24.00
N GLN B 30 -22.62 -4.14 24.25
CA GLN B 30 -22.45 -2.92 25.04
C GLN B 30 -21.88 -1.78 24.20
N GLY B 31 -21.97 -1.90 22.89
CA GLY B 31 -21.49 -0.87 21.99
C GLY B 31 -20.03 -0.49 22.11
N VAL B 32 -19.14 -1.45 22.42
CA VAL B 32 -17.71 -1.20 22.53
C VAL B 32 -17.01 -1.64 21.25
N LYS B 33 -16.06 -0.83 20.77
CA LYS B 33 -15.24 -1.13 19.61
C LYS B 33 -13.87 -1.61 20.06
N GLY B 34 -13.39 -2.69 19.43
CA GLY B 34 -12.07 -3.21 19.70
C GLY B 34 -11.18 -3.03 18.49
N THR B 35 -9.90 -3.28 18.70
CA THR B 35 -8.91 -3.34 17.62
C THR B 35 -8.45 -4.79 17.48
N PHE B 36 -8.47 -5.30 16.26
CA PHE B 36 -8.16 -6.70 15.98
C PHE B 36 -6.92 -6.77 15.10
N TYR B 37 -5.88 -7.44 15.61
CA TYR B 37 -4.64 -7.64 14.87
C TYR B 37 -4.71 -9.05 14.30
N PHE B 38 -5.02 -9.15 13.01
CA PHE B 38 -5.42 -10.39 12.35
C PHE B 38 -4.25 -11.03 11.63
N ASN B 39 -4.28 -12.38 11.56
CA ASN B 39 -3.37 -13.17 10.75
C ASN B 39 -4.21 -13.87 9.68
N ALA B 40 -3.98 -13.53 8.41
CA ALA B 40 -4.86 -14.06 7.36
C ALA B 40 -4.75 -15.57 7.15
N TRP B 41 -3.73 -16.23 7.68
CA TRP B 41 -3.63 -17.66 7.41
C TRP B 41 -4.81 -18.46 7.97
N HIS B 42 -5.58 -17.88 8.89
CA HIS B 42 -6.79 -18.57 9.33
C HIS B 42 -7.84 -18.62 8.23
N LEU B 43 -7.90 -17.58 7.37
CA LEU B 43 -8.78 -17.65 6.21
C LEU B 43 -8.41 -18.81 5.30
N ASP B 44 -7.12 -19.14 5.23
CA ASP B 44 -6.67 -20.26 4.42
C ASP B 44 -6.89 -21.59 5.10
N GLY B 45 -7.29 -21.60 6.38
CA GLY B 45 -7.51 -22.83 7.11
C GLY B 45 -6.27 -23.56 7.56
N ILE B 46 -5.10 -22.90 7.62
CA ILE B 46 -3.85 -23.56 7.93
C ILE B 46 -3.24 -23.10 9.25
N GLY B 47 -4.00 -22.39 10.10
CA GLY B 47 -3.44 -21.85 11.32
C GLY B 47 -3.76 -22.63 12.59
N ASP B 48 -4.08 -23.91 12.44
CA ASP B 48 -4.25 -24.85 13.56
C ASP B 48 -5.21 -24.34 14.64
N GLU B 49 -6.32 -23.75 14.23
CA GLU B 49 -7.31 -23.22 15.14
C GLU B 49 -8.68 -23.61 14.56
N ASN B 50 -9.74 -23.49 15.38
CA ASN B 50 -11.10 -23.64 14.86
C ASN B 50 -11.41 -22.41 14.04
N GLU B 51 -11.32 -22.53 12.72
CA GLU B 51 -11.29 -21.33 11.88
C GLU B 51 -12.12 -21.46 10.60
N ASP B 52 -13.02 -22.44 10.52
CA ASP B 52 -13.84 -22.54 9.32
C ASP B 52 -14.73 -21.31 9.14
N ARG B 53 -14.97 -20.53 10.19
CA ARG B 53 -15.78 -19.32 10.11
C ARG B 53 -14.93 -18.06 10.15
N ALA B 54 -13.64 -18.18 9.86
CA ALA B 54 -12.75 -17.03 9.91
C ALA B 54 -13.23 -15.90 9.02
N LEU B 55 -13.69 -16.22 7.80
CA LEU B 55 -14.10 -15.15 6.89
C LEU B 55 -15.32 -14.41 7.43
N GLU B 56 -16.29 -15.16 7.95
CA GLU B 56 -17.45 -14.55 8.60
C GLU B 56 -17.01 -13.66 9.76
N ALA B 57 -16.02 -14.11 10.54
CA ALA B 57 -15.53 -13.30 11.65
C ALA B 57 -14.91 -12.00 11.15
N LEU B 58 -14.16 -12.07 10.05
CA LEU B 58 -13.59 -10.84 9.48
C LEU B 58 -14.69 -9.89 9.01
N LYS B 59 -15.70 -10.41 8.28
CA LYS B 59 -16.82 -9.59 7.87
C LYS B 59 -17.53 -8.99 9.08
N LEU B 60 -17.82 -9.81 10.09
CA LEU B 60 -18.54 -9.32 11.26
C LEU B 60 -17.77 -8.18 11.93
N ALA B 61 -16.45 -8.34 12.09
CA ALA B 61 -15.63 -7.27 12.66
C ALA B 61 -15.80 -5.97 11.88
N LEU B 62 -15.67 -6.03 10.56
CA LEU B 62 -15.75 -4.82 9.74
C LEU B 62 -17.16 -4.25 9.71
N ASP B 63 -18.18 -5.09 9.53
CA ASP B 63 -19.55 -4.60 9.46
C ASP B 63 -20.01 -3.95 10.76
N THR B 64 -19.47 -4.34 11.92
CA THR B 64 -19.96 -3.73 13.14
C THR B 64 -18.99 -2.70 13.72
N GLY B 65 -18.03 -2.24 12.92
CA GLY B 65 -17.27 -1.05 13.26
C GLY B 65 -15.97 -1.27 14.00
N HIS B 66 -15.55 -2.51 14.18
CA HIS B 66 -14.27 -2.72 14.83
C HIS B 66 -13.14 -2.42 13.87
N VAL B 67 -11.98 -2.12 14.43
CA VAL B 67 -10.81 -1.76 13.64
C VAL B 67 -10.00 -3.00 13.35
N VAL B 68 -9.68 -3.22 12.08
CA VAL B 68 -8.88 -4.36 11.64
C VAL B 68 -7.47 -3.88 11.28
N ALA B 69 -6.47 -4.50 11.91
CA ALA B 69 -5.07 -4.12 11.83
C ALA B 69 -4.24 -5.36 11.52
N ASN B 70 -2.97 -5.13 11.20
CA ASN B 70 -2.11 -6.11 10.54
C ASN B 70 -1.18 -6.78 11.55
N HIS B 71 -1.30 -8.10 11.70
CA HIS B 71 -0.47 -8.88 12.61
C HIS B 71 0.42 -9.87 11.86
N SER B 72 0.52 -9.71 10.53
CA SER B 72 1.29 -10.54 9.59
C SER B 72 0.52 -11.80 9.17
N TYR B 73 0.91 -12.36 8.02
CA TYR B 73 0.14 -13.46 7.42
C TYR B 73 0.06 -14.65 8.34
N ALA B 74 1.20 -15.16 8.81
CA ALA B 74 1.23 -16.44 9.50
C ALA B 74 1.95 -16.37 10.86
N HIS B 75 1.96 -15.18 11.47
CA HIS B 75 2.43 -15.04 12.85
C HIS B 75 3.88 -15.51 13.00
N MET B 76 4.66 -15.34 11.92
CA MET B 76 6.07 -15.73 11.85
C MET B 76 6.30 -17.24 12.01
N VAL B 77 5.29 -18.11 11.86
CA VAL B 77 5.59 -19.51 12.15
C VAL B 77 6.39 -20.17 11.04
N HIS B 78 6.57 -19.50 9.89
CA HIS B 78 7.52 -20.01 8.90
C HIS B 78 8.92 -20.10 9.49
N ASN B 79 9.21 -19.25 10.48
CA ASN B 79 10.50 -19.25 11.16
C ASN B 79 10.57 -20.27 12.29
N CYS B 80 9.43 -20.85 12.68
CA CYS B 80 9.39 -21.89 13.70
C CYS B 80 9.55 -23.29 13.12
N VAL B 81 9.43 -23.45 11.82
CA VAL B 81 9.58 -24.74 11.18
C VAL B 81 10.60 -24.60 10.07
N ASP B 82 10.97 -25.75 9.52
CA ASP B 82 11.92 -25.77 8.42
C ASP B 82 11.25 -25.24 7.15
N GLU B 83 10.35 -26.01 6.55
CA GLU B 83 9.63 -25.57 5.37
C GLU B 83 8.18 -25.30 5.73
N PHE B 84 7.66 -24.16 5.28
CA PHE B 84 6.33 -23.73 5.65
C PHE B 84 5.28 -24.38 4.76
N GLY B 85 4.24 -24.93 5.37
CA GLY B 85 3.16 -25.52 4.63
C GLY B 85 1.90 -25.59 5.48
N PRO B 86 0.90 -26.33 5.00
CA PRO B 86 -0.39 -26.35 5.69
C PRO B 86 -0.36 -27.00 7.06
N THR B 87 0.73 -27.68 7.44
CA THR B 87 0.83 -28.31 8.75
C THR B 87 1.79 -27.58 9.70
N SER B 88 2.31 -26.41 9.31
CA SER B 88 3.34 -25.76 10.11
C SER B 88 2.79 -25.26 11.45
N GLY B 89 1.54 -24.75 11.44
CA GLY B 89 0.91 -24.35 12.69
C GLY B 89 0.83 -25.50 13.68
N ALA B 90 0.56 -26.71 13.19
CA ALA B 90 0.50 -27.87 14.08
C ALA B 90 1.89 -28.28 14.56
N GLU B 91 2.90 -28.28 13.68
CA GLU B 91 4.25 -28.60 14.13
C GLU B 91 4.69 -27.63 15.21
N CYS B 92 4.56 -26.33 14.93
CA CYS B 92 5.02 -25.34 15.87
C CYS B 92 4.21 -25.37 17.17
N ASN B 93 2.94 -25.78 17.11
CA ASN B 93 2.23 -26.05 18.35
C ASN B 93 2.70 -27.32 19.05
N ALA B 94 3.28 -28.27 18.33
CA ALA B 94 3.79 -29.48 18.98
C ALA B 94 5.01 -29.14 19.85
N THR B 95 6.07 -28.61 19.23
CA THR B 95 7.03 -27.86 20.03
C THR B 95 6.32 -26.66 20.63
N GLY B 96 6.94 -26.00 21.59
CA GLY B 96 6.34 -24.72 21.95
C GLY B 96 7.31 -23.62 21.58
N ASP B 97 7.79 -23.64 20.34
CA ASP B 97 8.99 -22.91 19.94
C ASP B 97 8.69 -21.62 19.18
N HIS B 98 7.47 -21.09 19.31
CA HIS B 98 7.10 -19.88 18.56
C HIS B 98 8.07 -18.73 18.81
N GLN B 99 8.60 -18.62 20.02
CA GLN B 99 9.45 -17.49 20.38
C GLN B 99 10.91 -17.70 19.99
N ILE B 100 11.29 -18.88 19.52
CA ILE B 100 12.70 -19.23 19.31
C ILE B 100 13.02 -19.03 17.84
N ASN B 101 14.00 -18.17 17.56
CA ASN B 101 14.31 -17.74 16.19
C ASN B 101 13.05 -17.29 15.47
N ALA B 102 12.21 -16.51 16.15
CA ALA B 102 10.93 -16.09 15.57
C ALA B 102 11.12 -15.13 14.40
N TYR B 103 12.20 -14.34 14.42
CA TYR B 103 12.53 -13.42 13.35
C TYR B 103 13.92 -13.76 12.84
N GLN B 104 14.04 -13.96 11.54
CA GLN B 104 15.32 -14.34 10.95
C GLN B 104 15.69 -13.38 9.83
N ASP B 105 15.09 -13.53 8.65
CA ASP B 105 15.32 -12.58 7.55
C ASP B 105 14.36 -11.40 7.72
N PRO B 106 14.83 -10.24 8.19
CA PRO B 106 13.89 -9.14 8.46
C PRO B 106 13.16 -8.65 7.22
N VAL B 107 13.80 -8.64 6.05
CA VAL B 107 13.09 -8.21 4.85
C VAL B 107 11.95 -9.18 4.54
N TYR B 108 12.24 -10.49 4.57
CA TYR B 108 11.18 -11.45 4.31
C TYR B 108 10.09 -11.38 5.39
N ASP B 109 10.48 -11.34 6.67
CA ASP B 109 9.48 -11.32 7.74
C ASP B 109 8.57 -10.10 7.61
N ALA B 110 9.15 -8.93 7.32
CA ALA B 110 8.30 -7.75 7.15
C ALA B 110 7.40 -7.90 5.93
N SER B 111 7.86 -8.58 4.89
CA SER B 111 7.01 -8.76 3.72
C SER B 111 5.81 -9.65 4.00
N THR B 112 5.84 -10.48 5.07
CA THR B 112 4.61 -11.22 5.41
C THR B 112 3.54 -10.31 5.98
N PHE B 113 3.87 -9.05 6.32
CA PHE B 113 2.81 -8.09 6.60
C PHE B 113 2.13 -7.63 5.32
N ALA B 114 2.90 -7.50 4.23
CA ALA B 114 2.30 -7.16 2.94
C ALA B 114 1.47 -8.32 2.40
N ASP B 115 2.03 -9.55 2.43
CA ASP B 115 1.27 -10.76 2.10
C ASP B 115 -0.08 -10.77 2.80
N ASN B 116 -0.11 -10.36 4.08
CA ASN B 116 -1.33 -10.43 4.88
C ASN B 116 -2.44 -9.59 4.24
N LEU B 117 -2.10 -8.42 3.71
CA LEU B 117 -3.10 -7.57 3.08
C LEU B 117 -3.58 -8.17 1.76
N VAL B 118 -2.66 -8.70 0.96
CA VAL B 118 -3.02 -9.34 -0.30
C VAL B 118 -4.04 -10.44 -0.07
N VAL B 119 -3.87 -11.22 1.00
CA VAL B 119 -4.81 -12.31 1.26
C VAL B 119 -6.15 -11.75 1.74
N PHE B 120 -6.13 -10.67 2.53
CA PHE B 120 -7.37 -10.02 2.97
C PHE B 120 -8.19 -9.53 1.78
N GLU B 121 -7.54 -8.81 0.88
CA GLU B 121 -8.21 -8.29 -0.30
C GLU B 121 -8.67 -9.37 -1.27
N ARG B 122 -8.08 -10.57 -1.21
CA ARG B 122 -8.56 -11.65 -2.06
C ARG B 122 -9.79 -12.32 -1.47
N TYR B 123 -9.82 -12.48 -0.14
CA TYR B 123 -10.99 -13.09 0.51
C TYR B 123 -12.15 -12.11 0.61
N LEU B 124 -11.89 -10.83 0.75
CA LEU B 124 -12.94 -9.83 0.98
C LEU B 124 -12.67 -8.65 0.06
N PRO B 125 -13.07 -8.77 -1.21
CA PRO B 125 -12.61 -7.78 -2.22
C PRO B 125 -12.99 -6.34 -1.92
N ASN B 126 -14.05 -6.09 -1.14
CA ASN B 126 -14.46 -4.72 -0.85
C ASN B 126 -13.85 -4.17 0.43
N ILE B 127 -12.84 -4.86 1.01
CA ILE B 127 -12.29 -4.48 2.31
C ILE B 127 -11.81 -3.04 2.30
N ASN B 128 -11.30 -2.55 1.18
CA ASN B 128 -10.75 -1.21 1.13
C ASN B 128 -11.82 -0.13 1.12
N SER B 129 -13.09 -0.48 1.02
CA SER B 129 -14.16 0.50 1.15
C SER B 129 -14.63 0.66 2.59
N TYR B 130 -13.99 -0.04 3.55
CA TYR B 130 -14.36 0.12 4.95
C TYR B 130 -13.43 1.14 5.60
N PRO B 131 -13.97 2.19 6.22
CA PRO B 131 -13.09 3.17 6.87
C PRO B 131 -12.41 2.63 8.11
N ASN B 132 -12.92 1.56 8.69
CA ASN B 132 -12.32 0.95 9.88
C ASN B 132 -11.32 -0.15 9.52
N TYR B 133 -11.00 -0.31 8.24
CA TYR B 133 -9.94 -1.22 7.80
C TYR B 133 -8.62 -0.46 7.80
N PHE B 134 -7.79 -0.69 8.82
CA PHE B 134 -6.48 -0.05 8.96
C PHE B 134 -5.33 -1.03 8.70
N GLY B 135 -5.56 -2.03 7.82
CA GLY B 135 -4.53 -3.02 7.56
C GLY B 135 -3.21 -2.45 7.02
N GLU B 136 -3.29 -1.32 6.31
CA GLU B 136 -2.08 -0.70 5.75
C GLU B 136 -1.39 0.27 6.71
N GLU B 137 -2.08 0.71 7.76
CA GLU B 137 -1.62 1.79 8.61
C GLU B 137 -1.19 1.38 10.00
N LEU B 138 -1.72 0.26 10.52
CA LEU B 138 -1.56 -0.17 11.90
C LEU B 138 -1.11 -1.62 11.95
N ALA B 139 -0.01 -1.88 12.67
CA ALA B 139 0.49 -3.22 12.85
C ALA B 139 0.91 -3.43 14.30
N ARG B 140 1.14 -4.71 14.63
CA ARG B 140 1.76 -5.10 15.90
C ARG B 140 2.58 -6.35 15.62
N LEU B 141 3.84 -6.38 16.10
CA LEU B 141 4.64 -7.55 15.74
C LEU B 141 4.28 -8.75 16.62
N PRO B 142 4.27 -9.95 16.04
CA PRO B 142 4.14 -11.15 16.87
C PRO B 142 5.17 -11.20 18.00
N TYR B 143 4.70 -11.55 19.19
CA TYR B 143 5.48 -11.80 20.40
C TYR B 143 6.07 -10.54 21.02
N THR B 144 5.88 -9.36 20.41
CA THR B 144 6.80 -8.26 20.64
C THR B 144 6.08 -6.98 21.05
N ASN B 145 6.31 -6.57 22.30
CA ASN B 145 5.80 -5.31 22.82
C ASN B 145 6.62 -4.16 22.27
N GLY B 146 6.50 -3.91 20.96
CA GLY B 146 7.26 -2.88 20.26
C GLY B 146 6.36 -1.77 19.75
N TRP B 147 6.86 -0.54 19.82
CA TRP B 147 6.11 0.66 19.53
C TRP B 147 6.84 1.49 18.47
N ARG B 148 6.11 1.85 17.41
CA ARG B 148 6.53 2.89 16.48
C ARG B 148 5.34 3.86 16.37
N ILE B 149 5.36 4.94 17.15
CA ILE B 149 4.25 5.88 17.23
C ILE B 149 4.59 7.21 16.58
N THR B 150 5.71 7.81 16.96
CA THR B 150 6.17 9.06 16.36
C THR B 150 7.68 9.02 16.24
N LYS B 151 8.22 10.07 15.63
CA LYS B 151 9.64 10.21 15.46
C LYS B 151 10.38 10.08 16.79
N ASP B 152 9.74 10.49 17.90
CA ASP B 152 10.35 10.45 19.23
C ASP B 152 9.62 9.51 20.20
N PHE B 153 8.75 8.63 19.71
CA PHE B 153 7.99 7.71 20.54
C PHE B 153 8.18 6.32 19.93
N LYS B 154 9.24 5.66 20.33
CA LYS B 154 9.55 4.31 19.87
C LYS B 154 10.06 3.49 21.05
N ALA B 155 9.81 2.19 20.96
CA ALA B 155 10.28 1.23 21.99
C ALA B 155 10.32 -0.15 21.34
N ASP B 156 11.25 -0.95 21.79
CA ASP B 156 11.39 -2.33 21.25
C ASP B 156 11.33 -3.29 22.43
N GLY B 157 10.80 -4.48 22.24
CA GLY B 157 10.89 -5.46 23.33
C GLY B 157 12.21 -6.17 23.19
N LEU B 158 13.18 -5.89 24.08
CA LEU B 158 14.43 -6.49 23.71
C LEU B 158 14.62 -7.91 24.25
N CYS B 159 13.60 -8.48 24.90
CA CYS B 159 13.65 -9.88 25.32
C CYS B 159 12.47 -10.67 24.78
N ALA B 160 11.79 -10.16 23.75
CA ALA B 160 10.55 -10.76 23.29
C ALA B 160 10.78 -12.14 22.68
N THR B 161 11.84 -12.30 21.91
CA THR B 161 12.15 -13.57 21.28
C THR B 161 13.61 -13.92 21.51
N SER B 162 13.95 -15.18 21.26
CA SER B 162 15.23 -15.72 21.67
C SER B 162 15.87 -16.53 20.54
N ASP B 163 17.17 -16.75 20.68
CA ASP B 163 17.92 -17.58 19.75
C ASP B 163 18.03 -19.02 20.22
N ASP B 164 17.59 -19.33 21.43
CA ASP B 164 17.76 -20.68 21.96
C ASP B 164 16.83 -20.95 23.12
N LEU B 165 17.03 -20.26 24.23
CA LEU B 165 16.34 -20.56 25.47
C LEU B 165 15.10 -19.68 25.65
N LYS B 166 14.03 -20.28 26.18
CA LYS B 166 12.86 -19.52 26.58
C LYS B 166 13.09 -18.92 27.96
N PRO B 167 12.36 -17.85 28.31
CA PRO B 167 12.74 -17.08 29.51
C PRO B 167 12.71 -17.84 30.82
N TRP B 168 12.14 -19.05 30.87
CA TRP B 168 12.16 -19.85 32.10
C TRP B 168 13.24 -20.92 32.10
N GLU B 169 13.58 -21.47 30.94
CA GLU B 169 14.62 -22.48 30.87
C GLU B 169 15.89 -21.96 31.52
N PRO B 170 16.59 -22.77 32.32
CA PRO B 170 17.84 -22.31 32.95
C PRO B 170 18.88 -21.90 31.93
N GLY B 171 19.75 -20.98 32.34
CA GLY B 171 20.69 -20.37 31.43
C GLY B 171 20.13 -19.23 30.61
N TYR B 172 18.85 -18.90 30.76
CA TYR B 172 18.28 -17.83 29.95
C TYR B 172 18.84 -16.48 30.40
N VAL B 173 19.48 -15.77 29.48
CA VAL B 173 20.00 -14.43 29.72
C VAL B 173 19.40 -13.51 28.66
N CYS B 174 18.92 -12.35 29.09
CA CYS B 174 18.56 -11.27 28.18
C CYS B 174 19.54 -10.13 28.41
N ASP B 175 20.31 -9.80 27.38
CA ASP B 175 21.30 -8.68 27.41
C ASP B 175 20.64 -7.53 26.67
N LEU B 176 20.23 -6.49 27.39
CA LEU B 176 19.41 -5.47 26.75
C LEU B 176 20.19 -4.69 25.68
N ASP B 177 21.44 -4.39 25.91
CA ASP B 177 22.23 -3.56 24.95
C ASP B 177 22.63 -4.40 23.74
N ASN B 178 22.80 -5.73 23.93
CA ASN B 178 23.19 -6.60 22.83
C ASN B 178 22.22 -7.77 22.77
N PRO B 179 21.00 -7.52 22.35
CA PRO B 179 19.96 -8.56 22.44
C PRO B 179 20.17 -9.72 21.46
N SER B 180 19.25 -10.70 21.51
CA SER B 180 19.30 -11.86 20.65
C SER B 180 19.20 -11.43 19.18
N ASN B 181 19.63 -12.32 18.28
CA ASN B 181 19.52 -12.03 16.85
C ASN B 181 18.07 -11.94 16.42
N SER B 182 17.23 -12.82 16.98
CA SER B 182 15.80 -12.75 16.72
C SER B 182 15.25 -11.37 17.08
N VAL B 183 15.60 -10.86 18.27
CA VAL B 183 15.14 -9.52 18.65
C VAL B 183 15.69 -8.48 17.68
N LYS B 184 16.98 -8.56 17.35
CA LYS B 184 17.57 -7.60 16.42
C LYS B 184 16.85 -7.63 15.07
N ALA B 185 16.53 -8.82 14.57
CA ALA B 185 15.77 -8.90 13.31
C ALA B 185 14.40 -8.25 13.47
N SER B 186 13.72 -8.50 14.61
CA SER B 186 12.39 -7.92 14.82
C SER B 186 12.46 -6.40 14.92
N ILE B 187 13.59 -5.84 15.36
CA ILE B 187 13.75 -4.39 15.37
C ILE B 187 13.82 -3.84 13.94
N GLU B 188 14.54 -4.54 13.05
CA GLU B 188 14.55 -4.15 11.65
C GLU B 188 13.15 -4.27 11.03
N VAL B 189 12.37 -5.28 11.45
CA VAL B 189 10.99 -5.38 10.95
C VAL B 189 10.18 -4.17 11.37
N GLN B 190 10.34 -3.72 12.63
CA GLN B 190 9.66 -2.50 13.05
C GLN B 190 10.04 -1.32 12.16
N ASN B 191 11.32 -1.20 11.80
CA ASN B 191 11.77 -0.05 11.02
C ASN B 191 11.31 -0.14 9.57
N ILE B 192 11.29 -1.34 8.99
CA ILE B 192 10.76 -1.52 7.63
C ILE B 192 9.28 -1.15 7.57
N LEU B 193 8.49 -1.60 8.55
CA LEU B 193 7.06 -1.29 8.53
C LEU B 193 6.79 0.19 8.72
N ALA B 194 7.58 0.84 9.60
CA ALA B 194 7.37 2.27 9.80
C ALA B 194 7.67 3.05 8.53
N ASN B 195 8.69 2.63 7.77
CA ASN B 195 9.00 3.24 6.48
C ASN B 195 7.96 2.96 5.41
N LYS B 196 7.02 2.11 5.66
CA LYS B 196 5.94 1.80 4.70
C LYS B 196 4.66 2.51 5.17
N GLY B 197 4.75 3.26 6.27
CA GLY B 197 3.61 4.11 6.69
C GLY B 197 2.88 3.58 7.90
N TYR B 198 3.41 2.55 8.48
CA TYR B 198 2.71 1.92 9.62
C TYR B 198 3.10 2.49 10.93
N GLN B 199 2.17 2.42 11.85
CA GLN B 199 2.47 2.73 13.25
C GLN B 199 2.33 1.36 13.93
N THR B 200 3.21 1.00 14.84
CA THR B 200 3.01 -0.22 15.61
C THR B 200 2.77 0.13 17.07
N HIS B 201 1.84 -0.61 17.69
CA HIS B 201 1.48 -0.43 19.09
C HIS B 201 1.73 -1.71 19.86
N GLY B 202 2.31 -1.55 21.06
CA GLY B 202 2.45 -2.65 21.99
C GLY B 202 1.31 -2.66 22.99
N TRP B 203 1.60 -2.98 24.25
CA TRP B 203 0.53 -3.08 25.21
C TRP B 203 1.02 -2.74 26.61
N ASP B 204 0.10 -2.27 27.45
CA ASP B 204 0.34 -2.04 28.87
C ASP B 204 0.05 -3.25 29.72
N VAL B 205 -1.01 -4.00 29.39
CA VAL B 205 -1.47 -5.14 30.20
C VAL B 205 -1.95 -6.23 29.27
N ASP B 206 -1.72 -7.47 29.68
CA ASP B 206 -2.04 -8.66 28.90
C ASP B 206 -3.08 -9.48 29.68
N TRP B 207 -4.31 -9.52 29.18
CA TRP B 207 -5.38 -10.28 29.86
C TRP B 207 -5.19 -11.74 29.50
N SER B 208 -4.53 -12.48 30.38
CA SER B 208 -4.00 -13.78 30.03
C SER B 208 -4.21 -14.76 31.18
N PRO B 209 -4.01 -16.05 30.93
CA PRO B 209 -4.08 -17.01 32.04
C PRO B 209 -3.11 -16.63 33.13
N GLU B 210 -3.55 -16.74 34.37
CA GLU B 210 -2.65 -16.54 35.49
C GLU B 210 -1.91 -17.80 35.89
N ASN B 211 -2.25 -18.94 35.31
CA ASN B 211 -1.55 -20.19 35.62
C ASN B 211 -1.56 -21.04 34.36
N TRP B 212 -0.46 -20.99 33.61
CA TRP B 212 -0.32 -21.84 32.42
C TRP B 212 -0.03 -23.30 32.79
N GLY B 213 0.06 -23.62 34.07
CA GLY B 213 0.45 -24.95 34.48
C GLY B 213 -0.67 -25.97 34.63
N ILE B 214 -1.90 -25.52 34.76
CA ILE B 214 -3.03 -26.41 35.02
C ILE B 214 -3.49 -27.02 33.70
N PRO B 215 -4.20 -28.15 33.73
CA PRO B 215 -4.68 -28.75 32.48
C PRO B 215 -5.50 -27.83 31.61
N MET B 216 -6.24 -26.88 32.19
CA MET B 216 -7.15 -26.00 31.45
C MET B 216 -6.74 -24.56 31.72
N PRO B 217 -5.62 -24.12 31.14
CA PRO B 217 -5.06 -22.82 31.52
C PRO B 217 -5.98 -21.65 31.24
N ALA B 218 -6.90 -21.76 30.29
CA ALA B 218 -7.81 -20.65 30.01
C ALA B 218 -8.77 -20.39 31.16
N ASN B 219 -9.02 -21.40 32.01
CA ASN B 219 -9.87 -21.20 33.18
C ASN B 219 -9.22 -20.31 34.24
N SER B 220 -7.93 -19.99 34.10
CA SER B 220 -7.22 -19.19 35.07
C SER B 220 -7.13 -17.72 34.64
N LEU B 221 -7.85 -17.33 33.60
CA LEU B 221 -7.91 -15.94 33.19
C LEU B 221 -8.38 -15.05 34.33
N THR B 222 -7.71 -13.92 34.52
CA THR B 222 -8.02 -13.00 35.60
C THR B 222 -9.48 -12.58 35.56
N GLU B 223 -10.10 -12.55 36.75
CA GLU B 223 -11.48 -12.08 36.88
C GLU B 223 -11.56 -10.59 36.52
N ALA B 224 -12.78 -10.16 36.17
CA ALA B 224 -12.95 -8.80 35.65
C ALA B 224 -12.60 -7.74 36.68
N GLU B 225 -13.00 -7.93 37.94
CA GLU B 225 -12.68 -6.93 38.96
C GLU B 225 -11.17 -6.84 39.19
N ALA B 226 -10.50 -7.97 39.38
CA ALA B 226 -9.05 -7.94 39.50
C ALA B 226 -8.44 -7.33 38.25
N PHE B 227 -8.97 -7.67 37.07
CA PHE B 227 -8.37 -7.15 35.84
C PHE B 227 -8.54 -5.65 35.75
N LEU B 228 -9.69 -5.13 36.15
CA LEU B 228 -9.84 -3.68 36.23
C LEU B 228 -8.83 -3.08 37.20
N GLY B 229 -8.46 -3.84 38.22
CA GLY B 229 -7.43 -3.36 39.13
C GLY B 229 -6.07 -3.24 38.47
N TYR B 230 -5.76 -4.15 37.53
CA TYR B 230 -4.52 -4.04 36.75
C TYR B 230 -4.55 -2.86 35.79
N VAL B 231 -5.70 -2.62 35.16
CA VAL B 231 -5.82 -1.46 34.28
C VAL B 231 -5.59 -0.17 35.06
N ASP B 232 -6.19 -0.07 36.26
CA ASP B 232 -5.92 1.06 37.16
C ASP B 232 -4.45 1.19 37.50
N ALA B 233 -3.81 0.08 37.92
CA ALA B 233 -2.40 0.12 38.24
C ALA B 233 -1.57 0.62 37.06
N ALA B 234 -2.01 0.29 35.83
CA ALA B 234 -1.29 0.64 34.62
C ALA B 234 -1.42 2.11 34.26
N LEU B 235 -2.46 2.78 34.74
CA LEU B 235 -2.77 4.13 34.30
C LEU B 235 -1.66 5.10 34.74
N ASN B 236 -0.97 5.69 33.76
CA ASN B 236 0.07 6.72 34.00
C ASN B 236 1.23 6.16 34.81
N SER B 237 1.50 4.88 34.69
CA SER B 237 2.52 4.22 35.47
C SER B 237 3.59 3.58 34.63
N CYS B 238 3.57 3.80 33.31
CA CYS B 238 4.59 3.24 32.42
C CYS B 238 4.66 1.73 32.54
N ALA B 239 3.50 1.10 32.55
CA ALA B 239 3.26 -0.34 32.56
C ALA B 239 4.09 -1.11 31.56
N PRO B 240 4.33 -0.61 30.33
CA PRO B 240 5.16 -1.40 29.39
C PRO B 240 6.53 -1.72 29.91
N THR B 241 7.08 -0.91 30.83
CA THR B 241 8.39 -1.24 31.37
C THR B 241 8.32 -2.07 32.64
N THR B 242 7.18 -2.09 33.33
CA THR B 242 7.10 -2.85 34.57
C THR B 242 6.39 -4.19 34.42
N ILE B 243 5.65 -4.38 33.32
CA ILE B 243 4.90 -5.61 33.10
C ILE B 243 5.81 -6.84 33.20
N ASN B 244 5.23 -7.98 33.59
CA ASN B 244 5.87 -9.28 33.63
C ASN B 244 5.10 -10.25 32.75
N PRO B 245 5.77 -11.25 32.15
CA PRO B 245 7.21 -11.56 32.29
C PRO B 245 8.16 -10.70 31.46
N ILE B 246 9.46 -11.04 31.53
CA ILE B 246 10.50 -10.22 30.93
C ILE B 246 10.28 -10.07 29.42
N ASN B 247 9.86 -11.15 28.75
CA ASN B 247 9.69 -11.06 27.30
C ASN B 247 8.50 -10.19 26.89
N SER B 248 7.73 -9.65 27.82
CA SER B 248 6.65 -8.73 27.47
C SER B 248 7.00 -7.26 27.72
N LYS B 249 8.18 -6.96 28.23
CA LYS B 249 8.54 -5.56 28.46
C LYS B 249 8.85 -4.87 27.14
N ALA B 250 8.42 -3.62 27.04
CA ALA B 250 8.98 -2.70 26.06
C ALA B 250 10.13 -1.94 26.71
N HIS B 251 11.31 -2.07 26.15
CA HIS B 251 12.45 -1.35 26.69
C HIS B 251 12.64 -0.05 25.93
N GLY B 252 13.05 0.97 26.68
CA GLY B 252 13.22 2.30 26.14
C GLY B 252 11.92 3.04 26.01
N PHE B 253 10.85 2.50 26.58
CA PHE B 253 9.54 3.12 26.42
C PHE B 253 9.54 4.48 27.08
N PRO B 254 9.15 5.53 26.38
CA PRO B 254 9.28 6.88 26.93
C PRO B 254 8.27 7.15 28.04
N CYS B 255 8.56 6.72 29.26
CA CYS B 255 7.66 6.95 30.38
C CYS B 255 7.25 8.41 30.46
N GLY B 256 5.95 8.65 30.57
CA GLY B 256 5.47 10.00 30.65
C GLY B 256 5.28 10.77 29.34
N THR B 257 5.61 10.22 28.14
CA THR B 257 5.31 11.00 26.94
C THR B 257 3.82 11.36 26.96
N PRO B 258 3.48 12.61 26.66
CA PRO B 258 2.06 13.02 26.76
C PRO B 258 1.13 12.20 25.89
N LEU B 259 1.64 11.61 24.81
CA LEU B 259 0.75 10.84 23.94
C LEU B 259 0.22 9.59 24.63
N HIS B 260 0.92 9.10 25.64
CA HIS B 260 0.46 7.94 26.39
C HIS B 260 -0.28 8.31 27.67
N ALA B 261 -0.38 9.59 28.01
CA ALA B 261 -1.02 9.97 29.26
C ALA B 261 -2.47 9.50 29.30
N ASP B 262 -2.85 8.90 30.44
CA ASP B 262 -4.24 8.54 30.71
C ASP B 262 -4.76 7.44 29.77
N LYS B 263 -3.87 6.57 29.29
CA LYS B 263 -4.26 5.52 28.36
C LYS B 263 -3.74 4.18 28.84
N VAL B 264 -4.53 3.14 28.62
CA VAL B 264 -4.12 1.76 28.86
C VAL B 264 -4.51 0.95 27.63
N VAL B 265 -3.51 0.37 26.99
CA VAL B 265 -3.72 -0.55 25.88
C VAL B 265 -3.74 -1.97 26.44
N VAL B 266 -4.81 -2.70 26.19
CA VAL B 266 -5.01 -4.04 26.73
C VAL B 266 -4.79 -5.03 25.59
N LEU B 267 -3.91 -5.99 25.83
CA LEU B 267 -3.72 -7.12 24.92
C LEU B 267 -4.48 -8.33 25.45
N THR B 268 -5.27 -8.98 24.58
CA THR B 268 -5.74 -10.32 24.87
C THR B 268 -5.98 -11.05 23.55
N HIS B 269 -6.34 -12.33 23.62
CA HIS B 269 -6.46 -13.19 22.44
C HIS B 269 -7.83 -13.86 22.38
N GLU B 270 -8.45 -13.90 21.19
CA GLU B 270 -9.77 -14.53 21.09
C GLU B 270 -9.75 -15.99 21.51
N PHE B 271 -8.64 -16.72 21.26
CA PHE B 271 -8.63 -18.14 21.58
C PHE B 271 -8.75 -18.41 23.08
N LEU B 272 -8.62 -17.39 23.93
CA LEU B 272 -8.85 -17.57 25.35
C LEU B 272 -10.33 -17.51 25.72
N TYR B 273 -11.20 -17.24 24.75
CA TYR B 273 -12.63 -17.12 25.00
C TYR B 273 -13.40 -18.21 24.23
N GLU B 274 -12.79 -19.39 24.14
CA GLU B 274 -13.35 -20.52 23.41
C GLU B 274 -13.33 -21.75 24.30
N ASP B 275 -14.41 -22.53 24.26
CA ASP B 275 -14.40 -23.83 24.93
C ASP B 275 -13.66 -24.82 24.05
N GLY B 276 -12.59 -25.41 24.57
CA GLY B 276 -11.79 -26.28 23.72
C GLY B 276 -10.47 -26.70 24.32
N LYS B 277 -9.44 -26.75 23.47
CA LYS B 277 -8.15 -27.29 23.88
C LYS B 277 -7.58 -26.60 25.11
N ARG B 278 -7.80 -25.29 25.22
CA ARG B 278 -7.23 -24.51 26.31
C ARG B 278 -8.14 -24.42 27.53
N GLY B 279 -9.33 -25.00 27.47
CA GLY B 279 -10.23 -24.98 28.60
C GLY B 279 -11.61 -24.42 28.31
N MET B 280 -12.36 -24.07 29.36
CA MET B 280 -13.72 -23.54 29.23
C MET B 280 -13.72 -22.06 28.91
N GLY B 281 -13.01 -21.65 27.85
CA GLY B 281 -12.85 -20.22 27.60
C GLY B 281 -14.15 -19.50 27.29
N ALA B 282 -15.02 -20.11 26.48
CA ALA B 282 -16.28 -19.45 26.16
C ALA B 282 -17.15 -19.31 27.40
N THR B 283 -17.30 -20.40 28.15
CA THR B 283 -18.27 -20.40 29.24
C THR B 283 -17.80 -19.54 30.39
N GLN B 284 -16.51 -19.60 30.73
CA GLN B 284 -16.01 -18.88 31.88
C GLN B 284 -15.55 -17.47 31.57
N ASN B 285 -14.96 -17.23 30.40
CA ASN B 285 -14.27 -15.98 30.18
C ASN B 285 -15.08 -14.95 29.41
N LEU B 286 -15.97 -15.36 28.50
CA LEU B 286 -16.85 -14.38 27.88
C LEU B 286 -17.64 -13.58 28.93
N PRO B 287 -18.17 -14.17 30.00
CA PRO B 287 -18.80 -13.34 31.04
C PRO B 287 -17.82 -12.43 31.75
N LYS B 288 -16.55 -12.83 31.89
CA LYS B 288 -15.57 -11.92 32.46
C LYS B 288 -15.39 -10.70 31.56
N LEU B 289 -15.35 -10.92 30.24
CA LEU B 289 -15.20 -9.82 29.31
C LEU B 289 -16.40 -8.87 29.36
N ALA B 290 -17.62 -9.42 29.37
CA ALA B 290 -18.81 -8.57 29.43
C ALA B 290 -18.84 -7.73 30.71
N LYS B 291 -18.56 -8.37 31.86
CA LYS B 291 -18.57 -7.61 33.11
C LYS B 291 -17.51 -6.51 33.09
N PHE B 292 -16.34 -6.82 32.53
CA PHE B 292 -15.27 -5.84 32.49
C PHE B 292 -15.66 -4.61 31.68
N LEU B 293 -16.28 -4.82 30.52
CA LEU B 293 -16.77 -3.66 29.77
C LEU B 293 -17.64 -2.76 30.64
N ARG B 294 -18.61 -3.34 31.38
CA ARG B 294 -19.54 -2.56 32.19
C ARG B 294 -18.84 -1.86 33.36
N ILE B 295 -18.01 -2.58 34.11
CA ILE B 295 -17.41 -1.99 35.29
C ILE B 295 -16.33 -0.97 34.93
N ALA B 296 -15.62 -1.17 33.81
CA ALA B 296 -14.66 -0.16 33.38
C ALA B 296 -15.36 1.16 33.06
N LYS B 297 -16.53 1.09 32.44
CA LYS B 297 -17.30 2.31 32.19
C LYS B 297 -17.77 2.94 33.50
N GLU B 298 -18.26 2.12 34.44
CA GLU B 298 -18.71 2.67 35.71
C GLU B 298 -17.56 3.29 36.50
N ALA B 299 -16.34 2.77 36.34
CA ALA B 299 -15.18 3.37 36.99
C ALA B 299 -14.75 4.68 36.34
N GLY B 300 -15.33 5.03 35.19
CA GLY B 300 -14.98 6.27 34.53
C GLY B 300 -14.18 6.11 33.26
N TYR B 301 -13.90 4.90 32.82
CA TYR B 301 -13.16 4.72 31.59
C TYR B 301 -14.08 4.78 30.38
N VAL B 302 -13.50 5.21 29.25
CA VAL B 302 -14.14 5.07 27.95
C VAL B 302 -13.27 4.13 27.13
N PHE B 303 -13.89 3.49 26.14
CA PHE B 303 -13.22 2.55 25.25
C PHE B 303 -13.02 3.21 23.89
N ASP B 304 -11.85 2.98 23.30
CA ASP B 304 -11.57 3.51 21.98
C ASP B 304 -10.73 2.49 21.21
N THR B 305 -10.46 2.80 19.94
CA THR B 305 -9.71 1.92 19.06
C THR B 305 -8.37 2.57 18.69
N ILE B 306 -7.45 1.74 18.20
CA ILE B 306 -6.07 2.20 18.05
C ILE B 306 -5.92 3.31 17.01
N ASP B 307 -6.84 3.41 16.06
CA ASP B 307 -6.79 4.50 15.07
C ASP B 307 -6.98 5.88 15.69
N ASN B 308 -7.48 5.97 16.92
CA ASN B 308 -7.56 7.24 17.62
C ASN B 308 -6.53 7.38 18.74
N TYR B 309 -5.66 6.39 18.94
CA TYR B 309 -4.64 6.49 19.98
C TYR B 309 -3.84 7.77 19.79
N THR B 310 -3.39 8.01 18.56
CA THR B 310 -2.98 9.34 18.12
C THR B 310 -4.21 10.06 17.58
N PRO B 311 -4.64 11.15 18.19
CA PRO B 311 -5.95 11.72 17.84
C PRO B 311 -5.99 12.18 16.39
N VAL B 312 -7.09 11.89 15.72
CA VAL B 312 -7.25 12.31 14.34
C VAL B 312 -7.47 13.81 14.29
N TRP B 313 -6.75 14.48 13.39
CA TRP B 313 -6.97 15.91 13.17
C TRP B 313 -8.42 16.17 12.78
N GLN B 314 -9.03 17.18 13.41
CA GLN B 314 -10.43 17.55 13.18
C GLN B 314 -10.54 19.07 13.10
N VAL B 315 -11.22 19.56 12.06
CA VAL B 315 -11.55 20.98 11.97
C VAL B 315 -12.24 21.43 13.23
N GLY B 316 -11.79 22.54 13.80
CA GLY B 316 -12.41 23.07 15.00
C GLY B 316 -11.72 22.72 16.30
N ASN B 317 -10.84 21.71 16.33
CA ASN B 317 -10.13 21.37 17.57
C ASN B 317 -9.06 22.40 17.90
N ALA B 318 -8.89 22.66 19.19
CA ALA B 318 -7.80 23.49 19.68
C ALA B 318 -6.55 22.64 19.86
N TYR B 319 -5.43 23.12 19.34
CA TYR B 319 -4.15 22.42 19.45
C TYR B 319 -3.11 23.34 20.08
N ALA B 320 -2.38 22.80 21.04
CA ALA B 320 -1.21 23.49 21.57
C ALA B 320 0.00 23.09 20.77
N ALA B 321 1.00 23.98 20.74
CA ALA B 321 2.27 23.62 20.13
C ALA B 321 2.79 22.36 20.82
N GLY B 322 3.27 21.41 20.02
CA GLY B 322 3.74 20.12 20.50
C GLY B 322 2.70 19.01 20.43
N ASP B 323 1.42 19.33 20.24
CA ASP B 323 0.39 18.29 20.15
C ASP B 323 0.58 17.44 18.89
N TYR B 324 0.31 16.14 19.02
CA TYR B 324 0.36 15.21 17.91
C TYR B 324 -1.03 14.89 17.38
N VAL B 325 -1.11 14.73 16.07
CA VAL B 325 -2.31 14.25 15.40
C VAL B 325 -1.90 13.27 14.29
N THR B 326 -2.86 12.49 13.83
CA THR B 326 -2.74 11.83 12.54
C THR B 326 -3.71 12.47 11.55
N HIS B 327 -3.31 12.46 10.29
CA HIS B 327 -4.12 13.06 9.24
C HIS B 327 -3.86 12.24 8.00
N SER B 328 -4.92 11.69 7.40
CA SER B 328 -4.76 10.79 6.28
C SER B 328 -3.61 9.80 6.50
N GLY B 329 -3.51 9.23 7.70
CA GLY B 329 -2.53 8.20 7.98
C GLY B 329 -1.18 8.67 8.44
N THR B 330 -0.87 9.97 8.34
CA THR B 330 0.44 10.48 8.69
C THR B 330 0.40 11.17 10.06
N VAL B 331 1.48 11.05 10.82
CA VAL B 331 1.58 11.67 12.14
C VAL B 331 2.18 13.06 11.98
N TYR B 332 1.58 14.06 12.64
CA TYR B 332 2.06 15.42 12.61
C TYR B 332 2.14 16.02 14.00
N LYS B 333 2.96 17.05 14.12
CA LYS B 333 3.16 17.76 15.38
C LYS B 333 2.93 19.25 15.17
N ALA B 334 2.09 19.85 16.02
CA ALA B 334 1.76 21.27 15.89
C ALA B 334 2.97 22.15 16.17
N VAL B 335 3.17 23.15 15.30
CA VAL B 335 4.23 24.12 15.48
C VAL B 335 3.81 25.22 16.44
N THR B 336 2.61 25.79 16.24
CA THR B 336 2.10 26.87 17.07
C THR B 336 0.67 26.55 17.47
N ALA B 337 0.29 26.95 18.68
CA ALA B 337 -1.09 26.79 19.14
C ALA B 337 -2.05 27.49 18.19
N HIS B 338 -3.17 26.82 17.89
CA HIS B 338 -4.17 27.36 16.95
C HIS B 338 -5.44 26.52 17.01
N ILE B 339 -6.52 27.08 16.48
CA ILE B 339 -7.77 26.36 16.26
C ILE B 339 -7.80 25.89 14.81
N ALA B 340 -7.98 24.59 14.61
CA ALA B 340 -7.91 24.02 13.27
C ALA B 340 -9.01 24.60 12.38
N GLN B 341 -8.60 25.01 11.20
CA GLN B 341 -9.52 25.53 10.17
C GLN B 341 -9.43 24.56 8.99
N GLN B 342 -10.40 24.55 8.09
CA GLN B 342 -10.43 23.53 7.04
C GLN B 342 -9.27 23.68 6.06
N ASP B 343 -8.74 24.88 5.89
CA ASP B 343 -7.62 25.07 4.98
C ASP B 343 -6.27 25.05 5.68
N TRP B 344 -6.29 24.74 6.99
CA TRP B 344 -5.04 24.66 7.80
C TRP B 344 -4.71 23.21 8.13
N ALA B 345 -5.12 22.29 7.27
CA ALA B 345 -4.86 20.88 7.54
C ALA B 345 -3.37 20.58 7.47
N PRO B 346 -2.89 19.59 8.21
CA PRO B 346 -1.48 19.18 8.07
C PRO B 346 -1.17 18.77 6.64
N SER B 347 0.08 18.99 6.23
CA SER B 347 0.53 18.63 4.89
C SER B 347 2.05 18.65 4.86
N SER B 348 2.61 18.26 3.72
CA SER B 348 4.06 18.27 3.61
C SER B 348 4.64 19.66 3.39
N THR B 349 3.81 20.70 3.25
CA THR B 349 4.31 22.07 3.22
C THR B 349 3.66 22.97 4.25
N SER B 350 2.77 22.43 5.08
CA SER B 350 2.07 23.24 6.06
C SER B 350 3.06 23.93 6.99
N SER B 351 2.73 25.17 7.36
CA SER B 351 3.59 25.87 8.30
C SER B 351 3.12 25.70 9.74
N LEU B 352 1.95 25.10 9.96
CA LEU B 352 1.42 24.83 11.29
C LEU B 352 1.75 23.44 11.82
N TRP B 353 2.36 22.57 11.01
CA TRP B 353 2.58 21.18 11.36
C TRP B 353 3.86 20.71 10.71
N THR B 354 4.61 19.87 11.41
CA THR B 354 5.67 19.12 10.75
C THR B 354 5.33 17.63 10.80
N ASN B 355 5.88 16.90 9.82
CA ASN B 355 5.72 15.45 9.77
C ASN B 355 6.51 14.84 10.92
N ALA B 356 5.85 13.98 11.71
CA ALA B 356 6.47 13.29 12.83
C ALA B 356 6.22 11.78 12.77
N ASP B 357 6.09 11.23 11.57
CA ASP B 357 6.00 9.79 11.39
C ASP B 357 7.21 9.10 12.01
N PRO B 358 7.03 7.90 12.58
CA PRO B 358 8.17 7.15 13.12
C PRO B 358 9.09 6.55 12.07
N ALA B 359 8.96 6.92 10.79
CA ALA B 359 9.81 6.39 9.74
C ALA B 359 11.21 7.02 9.79
N THR B 360 12.17 6.35 9.15
CA THR B 360 13.52 6.89 9.00
C THR B 360 13.92 7.15 7.54
N ASN B 361 13.06 6.90 6.57
CA ASN B 361 13.31 7.45 5.24
C ASN B 361 13.20 8.97 5.30
N TRP B 362 14.05 9.65 4.53
CA TRP B 362 13.96 11.10 4.45
C TRP B 362 12.58 11.52 3.97
N THR B 363 12.01 12.53 4.62
CA THR B 363 10.68 12.99 4.25
C THR B 363 10.61 14.51 4.33
N LEU B 364 9.63 15.06 3.64
CA LEU B 364 9.34 16.48 3.65
C LEU B 364 8.73 16.93 4.97
N ASN B 365 9.04 18.18 5.34
CA ASN B 365 8.43 18.87 6.48
C ASN B 365 8.69 18.14 7.79
N VAL B 366 9.84 17.51 7.94
CA VAL B 366 10.22 16.83 9.18
C VAL B 366 11.19 17.72 9.93
N SER B 367 10.94 17.93 11.22
CA SER B 367 11.86 18.68 12.07
C SER B 367 12.99 17.75 12.51
N TYR B 368 14.10 17.79 11.78
CA TYR B 368 15.23 16.89 12.04
C TYR B 368 16.19 17.51 13.06
N GLU B 369 16.88 16.63 13.79
CA GLU B 369 17.84 17.05 14.79
C GLU B 369 19.19 16.43 14.44
N ALA B 370 20.26 17.10 14.88
CA ALA B 370 21.60 16.57 14.66
C ALA B 370 21.74 15.22 15.36
N GLY B 371 22.17 14.21 14.60
CA GLY B 371 22.25 12.85 15.08
C GLY B 371 21.21 11.93 14.49
N ASP B 372 20.11 12.47 13.96
CA ASP B 372 19.19 11.63 13.21
C ASP B 372 19.91 11.01 12.02
N VAL B 373 19.35 9.90 11.53
CA VAL B 373 19.86 9.23 10.34
C VAL B 373 18.69 8.97 9.42
N VAL B 374 18.85 9.33 8.16
CA VAL B 374 17.81 9.19 7.16
C VAL B 374 18.35 8.33 6.03
N THR B 375 17.43 7.65 5.34
CA THR B 375 17.73 6.91 4.13
C THR B 375 17.06 7.60 2.96
N TYR B 376 17.82 7.78 1.87
CA TYR B 376 17.34 8.51 0.69
C TYR B 376 18.02 7.92 -0.53
N GLN B 377 17.22 7.43 -1.48
CA GLN B 377 17.75 6.80 -2.68
C GLN B 377 18.72 5.68 -2.34
N GLY B 378 18.41 4.92 -1.29
CA GLY B 378 19.16 3.74 -0.92
C GLY B 378 20.37 3.99 -0.05
N LEU B 379 20.74 5.24 0.18
CA LEU B 379 21.90 5.60 0.97
C LEU B 379 21.50 6.15 2.33
N ARG B 380 22.41 6.04 3.28
CA ARG B 380 22.20 6.52 4.64
C ARG B 380 22.95 7.82 4.86
N TYR B 381 22.29 8.77 5.53
CA TYR B 381 22.84 10.10 5.77
C TYR B 381 22.63 10.50 7.23
N LEU B 382 23.64 11.16 7.77
CA LEU B 382 23.60 11.68 9.14
C LEU B 382 23.25 13.17 9.11
N VAL B 383 22.28 13.55 9.94
CA VAL B 383 21.88 14.96 10.05
C VAL B 383 22.92 15.72 10.86
N ASN B 384 23.58 16.71 10.22
CA ASN B 384 24.54 17.58 10.89
C ASN B 384 23.87 18.76 11.59
N VAL B 385 22.82 19.32 10.99
CA VAL B 385 22.28 20.62 11.36
C VAL B 385 20.77 20.45 11.60
N PRO B 386 20.26 20.79 12.78
CA PRO B 386 18.80 20.79 12.97
C PRO B 386 18.10 21.71 11.98
N HIS B 387 17.00 21.22 11.39
CA HIS B 387 16.25 21.97 10.37
C HIS B 387 14.96 21.23 10.06
N VAL B 388 14.04 21.94 9.42
CA VAL B 388 12.80 21.37 8.91
C VAL B 388 13.03 21.04 7.44
N SER B 389 12.90 19.78 7.08
CA SER B 389 13.23 19.36 5.73
C SER B 389 12.26 19.97 4.72
N GLN B 390 12.76 20.17 3.50
CA GLN B 390 11.94 20.68 2.42
C GLN B 390 12.54 20.19 1.11
N ALA B 391 11.74 20.30 0.05
CA ALA B 391 12.00 19.55 -1.17
C ALA B 391 13.31 19.94 -1.83
N ASP B 392 13.69 21.22 -1.73
CA ASP B 392 14.96 21.68 -2.28
C ASP B 392 16.14 21.17 -1.48
N TRP B 393 15.92 20.57 -0.30
CA TRP B 393 17.04 20.22 0.57
C TRP B 393 17.22 18.71 0.70
N THR B 394 17.14 17.99 -0.42
CA THR B 394 17.39 16.56 -0.41
C THR B 394 18.78 16.24 0.16
N PRO B 395 18.93 15.11 0.85
CA PRO B 395 20.27 14.75 1.34
C PRO B 395 21.27 14.51 0.22
N ASN B 396 20.80 14.11 -0.96
CA ASN B 396 21.72 13.90 -2.08
C ASN B 396 22.47 15.20 -2.44
N THR B 397 21.75 16.32 -2.49
CA THR B 397 22.28 17.60 -2.94
C THR B 397 22.80 18.48 -1.81
N GLN B 398 22.38 18.26 -0.56
CA GLN B 398 22.74 19.16 0.58
C GLN B 398 23.90 18.63 1.43
N ASN B 399 25.14 18.92 1.04
CA ASN B 399 26.34 18.35 1.71
C ASN B 399 26.62 18.93 3.10
N THR B 400 25.97 20.01 3.51
CA THR B 400 26.31 20.59 4.80
C THR B 400 25.30 20.12 5.81
N LEU B 401 24.04 20.14 5.43
CA LEU B 401 22.96 19.65 6.33
C LEU B 401 23.17 18.15 6.52
N PHE B 402 23.60 17.44 5.47
CA PHE B 402 23.71 16.02 5.73
C PHE B 402 25.12 15.56 5.41
N THR B 403 25.48 14.41 5.99
CA THR B 403 26.73 13.73 5.70
C THR B 403 26.42 12.29 5.32
N ALA B 404 26.80 11.91 4.10
CA ALA B 404 26.63 10.53 3.67
C ALA B 404 27.45 9.59 4.56
N LEU B 405 26.79 8.60 5.14
CA LEU B 405 27.51 7.60 5.91
C LEU B 405 28.16 6.60 4.98
#